data_1XLX
#
_entry.id   1XLX
#
_cell.length_a   89.274
_cell.length_b   94.259
_cell.length_c   106.078
_cell.angle_alpha   90.00
_cell.angle_beta   90.00
_cell.angle_gamma   90.00
#
_symmetry.space_group_name_H-M   'P 21 21 21'
#
loop_
_entity.id
_entity.type
_entity.pdbx_description
1 polymer "cAMP-specific 3',5'-cyclic phosphodiesterase 4B"
2 non-polymer 'ZINC ION'
3 non-polymer 'MAGNESIUM ION'
4 non-polymer CILOMILAST
5 water water
#
_entity_poly.entity_id   1
_entity_poly.type   'polypeptide(L)'
_entity_poly.pdbx_seq_one_letter_code
;MGSSHHHHHHSSGLVPRGSHMSISRFGVNTENEDHLAKELEDLNKWGLNIFNVAGYSHNRPLT(CME)IMYAIFQERDLL
KTFRISSDTFITYMMTLEDHYHSDVAYHNSLHAADVAQSTHVLLSTPALDAVFTDLEILAAIFAAAIHDVDHPGVSNQFL
INTNSELALMYNDESVLENHHLAVGFKLLQEEHCDIFMNLTKKQRQTLRKMVIDMVLATDMSKHMSLLADLKTMVETKKV
TSSGVLLLDNYTDRIQVLRNMVHCADLSNPTKSLELYRQWTDRIMEEFFQQGDKERERGMEISPMCDKHTASVEKSQVGF
IDYIVHPLWETWADLVQPDAQDILDTLEDNRNWYQSMIPQSPSPPLDEQNRDCQGLMEKFQFELTLDEEDSEGPEKEGEG
HS
;
_entity_poly.pdbx_strand_id   A,B
#
# COMPACT_ATOMS: atom_id res chain seq x y z
N GLU A 33 15.69 37.13 -15.18
CA GLU A 33 14.98 37.64 -16.40
C GLU A 33 15.89 37.40 -17.62
N ASP A 34 16.92 38.25 -17.77
CA ASP A 34 18.01 37.95 -18.69
C ASP A 34 18.83 36.88 -17.91
N HIS A 35 18.81 36.96 -16.56
CA HIS A 35 19.51 35.98 -15.73
C HIS A 35 18.87 34.59 -15.78
N LEU A 36 17.54 34.59 -15.88
CA LEU A 36 16.79 33.36 -15.95
C LEU A 36 17.12 32.65 -17.24
N ALA A 37 17.08 33.38 -18.37
CA ALA A 37 17.37 32.80 -19.67
C ALA A 37 18.80 32.26 -19.72
N LYS A 38 19.76 33.05 -19.18
CA LYS A 38 21.18 32.59 -19.10
C LYS A 38 21.26 31.31 -18.31
N GLU A 39 20.56 31.24 -17.20
CA GLU A 39 20.60 30.03 -16.39
C GLU A 39 19.94 28.82 -17.11
N LEU A 40 18.82 29.00 -17.79
CA LEU A 40 18.14 27.90 -18.51
C LEU A 40 18.86 27.40 -19.79
N GLU A 41 19.99 28.02 -20.16
CA GLU A 41 20.82 27.52 -21.27
C GLU A 41 21.45 26.19 -20.83
N ASP A 42 21.62 26.05 -19.50
CA ASP A 42 22.13 24.83 -18.85
C ASP A 42 20.98 23.75 -18.55
N LEU A 43 19.75 23.95 -19.05
CA LEU A 43 18.59 23.06 -18.83
C LEU A 43 18.86 21.59 -19.08
N ASN A 44 19.62 21.27 -20.10
CA ASN A 44 19.89 19.89 -20.43
C ASN A 44 21.15 19.39 -19.78
N LYS A 45 21.73 20.18 -18.89
CA LYS A 45 23.01 19.84 -18.25
C LYS A 45 22.92 19.58 -16.76
N TRP A 46 23.80 18.70 -16.29
CA TRP A 46 23.86 18.37 -14.88
C TRP A 46 24.26 19.56 -14.08
N GLY A 47 25.07 20.42 -14.65
CA GLY A 47 25.53 21.62 -13.98
C GLY A 47 24.48 22.72 -13.76
N LEU A 48 23.22 22.55 -14.23
CA LEU A 48 22.18 23.51 -13.95
C LEU A 48 22.10 23.86 -12.49
N ASN A 49 21.94 25.13 -12.22
CA ASN A 49 21.84 25.61 -10.86
C ASN A 49 20.37 26.00 -10.59
N ILE A 50 19.64 25.14 -9.86
CA ILE A 50 18.19 25.32 -9.53
C ILE A 50 17.92 26.47 -8.50
N PHE A 51 18.87 26.78 -7.62
CA PHE A 51 18.67 27.91 -6.68
C PHE A 51 18.51 29.22 -7.45
N ASN A 52 19.44 29.45 -8.38
CA ASN A 52 19.44 30.63 -9.22
C ASN A 52 18.11 30.77 -9.95
N VAL A 53 17.59 29.67 -10.49
CA VAL A 53 16.33 29.77 -11.22
C VAL A 53 15.16 30.11 -10.33
N ALA A 54 15.16 29.59 -9.11
CA ALA A 54 14.14 29.97 -8.12
C ALA A 54 14.23 31.47 -7.84
N GLY A 55 15.44 31.99 -7.71
CA GLY A 55 15.65 33.42 -7.46
C GLY A 55 15.13 34.30 -8.59
N TYR A 56 15.22 33.81 -9.82
CA TYR A 56 14.81 34.59 -11.01
C TYR A 56 13.37 34.25 -11.48
N SER A 57 12.60 33.50 -10.67
CA SER A 57 11.24 33.09 -11.07
C SER A 57 10.12 33.35 -10.02
N HIS A 58 10.29 34.34 -9.14
CA HIS A 58 9.29 34.67 -8.09
C HIS A 58 9.08 33.47 -7.18
N ASN A 59 10.15 32.72 -7.00
CA ASN A 59 10.11 31.50 -6.21
C ASN A 59 9.16 30.41 -6.72
N ARG A 60 9.24 30.17 -8.02
CA ARG A 60 8.48 29.10 -8.61
C ARG A 60 9.40 28.16 -9.44
N PRO A 61 10.45 27.64 -8.82
CA PRO A 61 11.38 26.75 -9.53
C PRO A 61 10.70 25.62 -10.33
N LEU A 62 9.73 25.00 -9.69
CA LEU A 62 9.08 23.85 -10.26
C LEU A 62 8.23 24.18 -11.49
N THR A 63 7.44 25.26 -11.45
CA THR A 63 6.64 25.72 -12.60
C THR A 63 7.60 26.06 -13.70
N ILE A 65 10.84 25.34 -14.31
CA ILE A 65 11.47 24.15 -14.92
C ILE A 65 10.59 23.09 -15.65
N MET A 66 9.42 22.82 -15.11
CA MET A 66 8.53 21.87 -15.74
C MET A 66 8.12 22.41 -17.11
N TYR A 67 7.81 23.71 -17.13
CA TYR A 67 7.47 24.40 -18.34
C TYR A 67 8.71 24.36 -19.28
N ALA A 68 9.92 24.62 -18.77
CA ALA A 68 11.09 24.60 -19.65
C ALA A 68 11.33 23.19 -20.20
N ILE A 69 11.24 22.22 -19.31
CA ILE A 69 11.42 20.82 -19.67
C ILE A 69 10.37 20.35 -20.76
N PHE A 70 9.12 20.71 -20.60
CA PHE A 70 8.07 20.28 -21.46
C PHE A 70 8.13 20.96 -22.85
N GLN A 71 8.61 22.22 -22.94
CA GLN A 71 8.79 22.88 -24.22
C GLN A 71 10.02 22.29 -24.90
N GLU A 72 11.10 22.10 -24.11
CA GLU A 72 12.32 21.55 -24.62
C GLU A 72 12.01 20.22 -25.26
N ARG A 73 11.16 19.42 -24.60
CA ARG A 73 10.80 18.10 -25.12
C ARG A 73 9.58 18.03 -26.06
N ASP A 74 8.93 19.16 -26.35
CA ASP A 74 7.73 19.13 -27.21
C ASP A 74 6.57 18.32 -26.63
N LEU A 75 6.58 18.09 -25.33
CA LEU A 75 5.58 17.25 -24.70
C LEU A 75 4.17 17.82 -24.82
N LEU A 76 4.06 19.14 -24.85
CA LEU A 76 2.76 19.78 -24.96
C LEU A 76 2.14 19.56 -26.36
N LYS A 77 2.92 19.71 -27.44
CA LYS A 77 2.40 19.46 -28.80
C LYS A 77 1.96 17.97 -28.91
N THR A 78 2.91 17.07 -28.64
CA THR A 78 2.75 15.59 -28.64
C THR A 78 1.54 15.03 -27.88
N PHE A 79 1.18 15.65 -26.78
CA PHE A 79 0.10 15.16 -25.97
C PHE A 79 -1.10 16.12 -25.87
N ARG A 80 -1.15 17.11 -26.78
CA ARG A 80 -2.23 18.11 -26.86
C ARG A 80 -2.59 18.64 -25.45
N ILE A 81 -1.58 19.05 -24.74
CA ILE A 81 -1.77 19.62 -23.43
C ILE A 81 -1.79 21.12 -23.63
N SER A 82 -2.93 21.74 -23.36
CA SER A 82 -3.00 23.20 -23.37
C SER A 82 -1.91 23.80 -22.44
N SER A 83 -1.31 24.91 -22.85
CA SER A 83 -0.31 25.66 -22.08
C SER A 83 -0.88 26.22 -20.77
N ASP A 84 -2.06 26.84 -20.86
CA ASP A 84 -2.69 27.45 -19.70
C ASP A 84 -2.97 26.39 -18.66
N THR A 85 -3.52 25.29 -19.12
CA THR A 85 -3.95 24.17 -18.30
C THR A 85 -2.76 23.56 -17.57
N PHE A 86 -1.62 23.52 -18.25
CA PHE A 86 -0.42 23.01 -17.66
C PHE A 86 0.12 23.98 -16.63
N ILE A 87 0.11 25.26 -16.94
CA ILE A 87 0.68 26.22 -15.98
C ILE A 87 -0.12 26.22 -14.70
N THR A 88 -1.45 26.25 -14.83
CA THR A 88 -2.30 26.25 -13.65
C THR A 88 -2.08 24.99 -12.81
N TYR A 89 -1.90 23.84 -13.45
CA TYR A 89 -1.70 22.62 -12.66
C TYR A 89 -0.38 22.73 -11.90
N MET A 90 0.68 23.20 -12.60
CA MET A 90 2.04 23.22 -12.03
C MET A 90 2.14 24.17 -10.91
N MET A 91 1.47 25.29 -11.09
CA MET A 91 1.45 26.33 -10.11
C MET A 91 0.76 25.82 -8.84
N THR A 92 -0.42 25.20 -9.00
CA THR A 92 -1.14 24.60 -7.88
C THR A 92 -0.30 23.49 -7.16
N LEU A 93 0.44 22.72 -7.93
CA LEU A 93 1.22 21.63 -7.40
C LEU A 93 2.37 22.14 -6.53
N GLU A 94 3.03 23.19 -7.04
CA GLU A 94 4.13 23.87 -6.38
C GLU A 94 3.66 24.47 -5.08
N ASP A 95 2.46 25.06 -5.15
CA ASP A 95 1.84 25.65 -3.97
C ASP A 95 1.51 24.64 -2.89
N HIS A 96 1.27 23.39 -3.32
CA HIS A 96 1.05 22.26 -2.39
C HIS A 96 2.34 21.71 -1.72
N TYR A 97 3.53 22.01 -2.27
CA TYR A 97 4.79 21.75 -1.55
C TYR A 97 4.83 22.89 -0.57
N HIS A 98 5.36 22.63 0.64
CA HIS A 98 5.41 23.65 1.74
C HIS A 98 6.69 24.42 1.81
N SER A 99 6.57 25.74 1.73
CA SER A 99 7.73 26.65 1.77
C SER A 99 8.46 26.78 3.14
N ASP A 100 7.86 26.37 4.23
CA ASP A 100 8.53 26.47 5.56
C ASP A 100 9.23 25.17 6.00
N VAL A 101 9.42 24.27 5.05
CA VAL A 101 10.06 23.02 5.22
C VAL A 101 11.49 23.18 4.60
N ALA A 102 12.56 22.94 5.36
CA ALA A 102 13.90 23.26 4.87
C ALA A 102 14.32 22.64 3.52
N TYR A 103 14.07 21.33 3.39
CA TYR A 103 14.54 20.61 2.23
C TYR A 103 13.42 20.19 1.28
N HIS A 104 12.36 19.62 1.81
CA HIS A 104 11.35 18.98 0.99
C HIS A 104 10.23 19.99 0.48
N ASN A 105 10.70 21.10 -0.12
CA ASN A 105 9.91 22.17 -0.72
C ASN A 105 9.97 22.08 -2.28
N SER A 106 9.44 23.08 -2.97
CA SER A 106 9.36 22.99 -4.43
C SER A 106 10.72 22.99 -5.12
N LEU A 107 11.77 23.45 -4.45
CA LEU A 107 13.09 23.51 -5.03
C LEU A 107 13.65 22.12 -5.33
N HIS A 108 13.43 21.21 -4.37
CA HIS A 108 13.83 19.84 -4.45
C HIS A 108 13.04 19.11 -5.54
N ALA A 109 11.74 19.25 -5.57
CA ALA A 109 10.97 18.63 -6.65
C ALA A 109 11.46 19.12 -8.04
N ALA A 110 11.81 20.41 -8.11
CA ALA A 110 12.29 20.99 -9.37
C ALA A 110 13.68 20.39 -9.71
N ASP A 111 14.51 20.16 -8.70
CA ASP A 111 15.79 19.60 -8.91
C ASP A 111 15.65 18.14 -9.44
N VAL A 112 14.79 17.35 -8.81
CA VAL A 112 14.65 15.96 -9.17
C VAL A 112 14.07 15.89 -10.61
N ALA A 113 13.12 16.76 -10.92
CA ALA A 113 12.55 16.74 -12.27
C ALA A 113 13.59 17.12 -13.30
N GLN A 114 14.51 18.03 -12.95
CA GLN A 114 15.51 18.52 -13.91
C GLN A 114 16.59 17.48 -14.05
N SER A 115 17.05 16.90 -12.92
CA SER A 115 18.01 15.83 -12.92
C SER A 115 17.47 14.66 -13.76
N THR A 116 16.20 14.38 -13.58
CA THR A 116 15.55 13.25 -14.23
C THR A 116 15.51 13.51 -15.72
N HIS A 117 15.31 14.75 -16.08
CA HIS A 117 15.18 15.14 -17.50
C HIS A 117 16.51 14.96 -18.22
N VAL A 118 17.62 15.22 -17.52
CA VAL A 118 18.95 15.06 -18.10
C VAL A 118 19.26 13.57 -18.30
N LEU A 119 19.01 12.78 -17.25
CA LEU A 119 19.21 11.31 -17.23
C LEU A 119 18.45 10.56 -18.30
N LEU A 120 17.24 11.03 -18.63
CA LEU A 120 16.45 10.41 -19.71
C LEU A 120 17.15 10.54 -21.07
N SER A 121 18.00 11.56 -21.18
CA SER A 121 18.77 11.88 -22.40
C SER A 121 20.16 11.27 -22.40
N THR A 122 20.49 10.49 -21.38
CA THR A 122 21.82 9.85 -21.36
C THR A 122 21.94 9.01 -22.63
N PRO A 123 23.13 9.00 -23.27
CA PRO A 123 23.30 8.31 -24.57
C PRO A 123 22.91 6.84 -24.56
N ALA A 124 23.28 6.12 -23.52
CA ALA A 124 22.94 4.70 -23.43
C ALA A 124 21.43 4.40 -23.51
N LEU A 125 20.56 5.36 -23.13
CA LEU A 125 19.11 5.16 -23.17
C LEU A 125 18.39 5.75 -24.38
N ASP A 126 19.17 6.19 -25.35
CA ASP A 126 18.67 6.90 -26.52
C ASP A 126 17.25 6.68 -27.08
N ALA A 127 17.01 5.65 -27.88
CA ALA A 127 15.68 5.57 -28.50
C ALA A 127 14.75 4.61 -27.78
N VAL A 128 15.08 4.38 -26.51
CA VAL A 128 14.51 3.35 -25.66
C VAL A 128 13.14 3.62 -25.05
N PHE A 129 12.87 4.86 -24.72
CA PHE A 129 11.64 5.18 -24.02
C PHE A 129 10.56 5.86 -24.91
N THR A 130 9.32 5.38 -24.80
CA THR A 130 8.23 6.03 -25.50
C THR A 130 8.04 7.44 -24.94
N ASP A 131 7.38 8.30 -25.74
CA ASP A 131 7.04 9.64 -25.27
C ASP A 131 6.19 9.56 -23.98
N LEU A 132 5.26 8.59 -23.90
CA LEU A 132 4.43 8.41 -22.69
C LEU A 132 5.25 8.13 -21.41
N GLU A 133 6.24 7.27 -21.52
CA GLU A 133 7.15 6.90 -20.46
C GLU A 133 8.02 8.07 -20.03
N ILE A 134 8.49 8.83 -21.00
CA ILE A 134 9.28 10.02 -20.74
C ILE A 134 8.43 11.01 -19.94
N LEU A 135 7.21 11.25 -20.43
CA LEU A 135 6.21 12.10 -19.78
C LEU A 135 5.92 11.63 -18.33
N ALA A 136 5.71 10.31 -18.16
CA ALA A 136 5.45 9.73 -16.85
C ALA A 136 6.59 9.95 -15.83
N ALA A 137 7.83 9.81 -16.27
CA ALA A 137 9.02 9.95 -15.41
C ALA A 137 9.24 11.36 -14.87
N ILE A 138 9.11 12.35 -15.75
CA ILE A 138 9.24 13.75 -15.39
C ILE A 138 8.04 14.18 -14.54
N PHE A 139 6.83 13.71 -14.85
CA PHE A 139 5.67 14.01 -13.99
C PHE A 139 5.89 13.37 -12.63
N ALA A 140 6.37 12.12 -12.61
CA ALA A 140 6.61 11.42 -11.37
C ALA A 140 7.55 12.25 -10.53
N ALA A 141 8.74 12.59 -11.06
CA ALA A 141 9.72 13.48 -10.37
C ALA A 141 9.08 14.79 -9.84
N ALA A 142 8.24 15.39 -10.67
CA ALA A 142 7.59 16.65 -10.26
C ALA A 142 6.69 16.56 -8.98
N ILE A 143 5.80 15.56 -8.91
CA ILE A 143 4.85 15.40 -7.80
C ILE A 143 5.42 14.56 -6.65
N HIS A 144 6.62 14.03 -6.86
CA HIS A 144 7.08 12.94 -6.00
C HIS A 144 7.21 13.17 -4.48
N ASP A 145 7.27 14.40 -4.04
CA ASP A 145 7.31 14.68 -2.60
C ASP A 145 6.29 15.76 -2.25
N VAL A 146 5.17 15.86 -3.03
CA VAL A 146 4.24 16.96 -2.84
C VAL A 146 3.53 16.89 -1.50
N ASP A 147 3.36 18.02 -0.85
CA ASP A 147 2.77 18.07 0.51
C ASP A 147 3.59 17.36 1.65
N HIS A 148 4.87 17.19 1.43
CA HIS A 148 5.79 16.63 2.41
C HIS A 148 5.83 17.52 3.68
N PRO A 149 5.67 16.98 4.88
CA PRO A 149 5.68 17.78 6.12
C PRO A 149 7.00 18.03 6.83
N GLY A 150 8.11 17.57 6.30
CA GLY A 150 9.41 17.81 6.91
C GLY A 150 9.74 16.85 8.03
N VAL A 151 9.10 15.72 7.98
CA VAL A 151 9.32 14.68 8.95
C VAL A 151 9.29 13.35 8.22
N SER A 152 9.96 12.35 8.77
CA SER A 152 10.07 11.03 8.13
C SER A 152 8.81 10.13 8.25
N ASN A 153 8.80 9.06 7.48
CA ASN A 153 7.78 8.04 7.56
C ASN A 153 7.79 7.51 8.97
N GLN A 154 8.99 7.22 9.52
CA GLN A 154 9.06 6.64 10.87
C GLN A 154 8.44 7.53 11.93
N PHE A 155 8.59 8.84 11.80
CA PHE A 155 8.06 9.77 12.80
C PHE A 155 6.52 9.80 12.77
N LEU A 156 5.96 9.88 11.57
CA LEU A 156 4.52 9.85 11.35
C LEU A 156 3.93 8.59 11.93
N ILE A 157 4.61 7.45 11.78
CA ILE A 157 4.18 6.20 12.40
C ILE A 157 4.23 6.19 13.92
N ASN A 158 5.35 6.64 14.53
CA ASN A 158 5.51 6.62 15.98
C ASN A 158 4.62 7.61 16.72
N THR A 159 4.24 8.69 16.03
CA THR A 159 3.33 9.68 16.63
C THR A 159 1.87 9.44 16.32
N ASN A 160 1.58 8.36 15.61
CA ASN A 160 0.22 7.96 15.27
C ASN A 160 -0.49 8.98 14.40
N SER A 161 0.24 9.61 13.50
CA SER A 161 -0.33 10.57 12.58
C SER A 161 -1.49 10.00 11.82
N GLU A 162 -2.41 10.89 11.44
CA GLU A 162 -3.54 10.51 10.64
C GLU A 162 -3.08 9.87 9.32
N LEU A 163 -1.98 10.32 8.79
CA LEU A 163 -1.43 9.76 7.54
C LEU A 163 -0.93 8.31 7.69
N ALA A 164 -0.31 7.99 8.81
CA ALA A 164 0.16 6.68 9.06
C ALA A 164 -1.07 5.76 9.20
N LEU A 165 -2.10 6.27 9.86
CA LEU A 165 -3.28 5.52 10.08
C LEU A 165 -3.99 5.28 8.76
N MET A 166 -4.06 6.31 7.93
CA MET A 166 -4.67 6.15 6.63
C MET A 166 -4.00 5.04 5.74
N TYR A 167 -2.66 5.01 5.85
CA TYR A 167 -1.76 4.21 5.04
C TYR A 167 -1.17 2.97 5.66
N ASN A 168 -1.71 2.58 6.78
CA ASN A 168 -1.28 1.39 7.49
C ASN A 168 0.24 1.26 7.64
N ASP A 169 0.94 2.35 7.86
CA ASP A 169 2.42 2.37 8.09
C ASP A 169 3.34 1.97 6.96
N GLU A 170 2.85 1.92 5.72
CA GLU A 170 3.60 1.41 4.57
C GLU A 170 3.71 2.52 3.53
N SER A 171 4.93 2.82 3.13
CA SER A 171 5.22 3.98 2.28
C SER A 171 4.22 5.15 2.55
N VAL A 172 4.18 5.57 3.80
CA VAL A 172 3.22 6.59 4.25
C VAL A 172 3.25 7.85 3.41
N LEU A 173 4.35 8.59 3.46
CA LEU A 173 4.49 9.83 2.71
C LEU A 173 4.33 9.62 1.18
N GLU A 174 4.88 8.52 0.70
CA GLU A 174 4.99 8.23 -0.70
C GLU A 174 3.63 8.00 -1.31
N ASN A 175 2.81 7.22 -0.63
CA ASN A 175 1.43 6.98 -1.01
C ASN A 175 0.72 8.31 -1.00
N HIS A 176 1.04 9.15 -0.01
CA HIS A 176 0.40 10.48 0.09
C HIS A 176 0.74 11.47 -1.03
N HIS A 177 2.01 11.53 -1.39
CA HIS A 177 2.47 12.42 -2.43
C HIS A 177 1.69 12.05 -3.75
N LEU A 178 1.53 10.75 -4.02
CA LEU A 178 0.79 10.30 -5.22
C LEU A 178 -0.66 10.67 -5.21
N ALA A 179 -1.23 10.56 -4.03
CA ALA A 179 -2.67 10.78 -3.78
C ALA A 179 -2.98 12.21 -4.06
N VAL A 180 -2.12 13.11 -3.57
CA VAL A 180 -2.27 14.53 -3.80
C VAL A 180 -2.06 14.92 -5.28
N GLY A 181 -1.01 14.42 -5.90
CA GLY A 181 -0.73 14.79 -7.28
C GLY A 181 -1.78 14.32 -8.26
N PHE A 182 -2.31 13.11 -8.05
CA PHE A 182 -3.37 12.58 -8.90
C PHE A 182 -4.72 13.24 -8.56
N LYS A 183 -4.89 13.76 -7.35
CA LYS A 183 -6.13 14.45 -6.94
C LYS A 183 -6.29 15.75 -7.72
N LEU A 184 -5.20 16.48 -7.80
CA LEU A 184 -5.19 17.77 -8.43
C LEU A 184 -5.47 17.73 -9.93
N LEU A 185 -5.29 16.58 -10.56
CA LEU A 185 -5.63 16.39 -11.99
C LEU A 185 -7.13 16.22 -12.23
N GLN A 186 -7.90 16.00 -11.16
CA GLN A 186 -9.34 15.72 -11.25
C GLN A 186 -10.18 16.87 -11.74
N GLU A 187 -9.91 18.11 -11.30
CA GLU A 187 -10.68 19.25 -11.86
C GLU A 187 -10.19 19.52 -13.29
N GLU A 188 -11.06 19.34 -14.30
CA GLU A 188 -10.76 19.58 -15.75
C GLU A 188 -9.80 20.77 -16.10
N HIS A 189 -9.87 21.85 -15.32
CA HIS A 189 -8.96 23.00 -15.46
C HIS A 189 -7.48 22.60 -15.28
N CYS A 190 -7.24 21.53 -14.51
CA CYS A 190 -5.87 21.00 -14.26
C CYS A 190 -5.58 19.57 -14.82
N ASP A 191 -6.47 19.01 -15.65
CA ASP A 191 -6.23 17.67 -16.20
C ASP A 191 -5.37 17.72 -17.43
N ILE A 192 -4.08 17.93 -17.20
CA ILE A 192 -3.10 17.95 -18.27
C ILE A 192 -3.16 16.70 -19.18
N PHE A 193 -3.81 15.62 -18.73
CA PHE A 193 -3.92 14.41 -19.57
C PHE A 193 -5.24 14.25 -20.30
N MET A 194 -6.10 15.27 -20.23
CA MET A 194 -7.38 15.27 -20.89
C MET A 194 -7.28 14.59 -22.25
N ASN A 195 -6.24 14.90 -23.01
CA ASN A 195 -6.09 14.41 -24.39
C ASN A 195 -5.34 13.12 -24.66
N LEU A 196 -4.85 12.44 -23.61
CA LEU A 196 -4.27 11.10 -23.76
C LEU A 196 -5.41 10.09 -24.08
N THR A 197 -4.99 8.89 -24.47
CA THR A 197 -5.88 7.77 -24.66
C THR A 197 -6.26 7.24 -23.23
N LYS A 198 -7.38 6.51 -23.13
CA LYS A 198 -7.80 5.90 -21.85
C LYS A 198 -6.70 4.94 -21.41
N LYS A 199 -6.33 4.10 -22.39
CA LYS A 199 -5.28 3.10 -22.25
C LYS A 199 -3.95 3.78 -21.91
N GLN A 200 -3.76 5.01 -22.41
CA GLN A 200 -2.56 5.84 -22.16
C GLN A 200 -2.54 6.45 -20.75
N ARG A 201 -3.70 6.86 -20.26
CA ARG A 201 -3.90 7.45 -18.93
C ARG A 201 -3.61 6.38 -17.86
N GLN A 202 -4.16 5.18 -18.07
CA GLN A 202 -3.93 4.04 -17.18
C GLN A 202 -2.48 3.62 -17.10
N THR A 203 -1.83 3.46 -18.24
CA THR A 203 -0.44 3.06 -18.30
C THR A 203 0.44 4.09 -17.62
N LEU A 204 0.07 5.37 -17.74
CA LEU A 204 0.84 6.44 -17.12
C LEU A 204 0.64 6.37 -15.61
N ARG A 205 -0.62 6.26 -15.19
CA ARG A 205 -0.96 6.13 -13.79
C ARG A 205 -0.20 4.98 -13.16
N LYS A 206 -0.20 3.83 -13.81
CA LYS A 206 0.55 2.68 -13.32
C LYS A 206 2.04 3.05 -13.20
N MET A 207 2.61 3.67 -14.23
CA MET A 207 4.04 3.96 -14.19
C MET A 207 4.43 4.95 -13.09
N VAL A 208 3.63 6.03 -12.89
CA VAL A 208 3.91 7.07 -11.87
C VAL A 208 3.86 6.51 -10.44
N ILE A 209 2.79 5.81 -10.12
CA ILE A 209 2.66 5.11 -8.83
C ILE A 209 3.92 4.26 -8.56
N ASP A 210 4.21 3.42 -9.50
CA ASP A 210 5.41 2.59 -9.38
C ASP A 210 6.70 3.42 -9.07
N MET A 211 6.91 4.55 -9.76
CA MET A 211 8.10 5.37 -9.58
C MET A 211 8.17 6.15 -8.27
N VAL A 212 7.03 6.66 -7.84
CA VAL A 212 7.04 7.40 -6.60
C VAL A 212 7.23 6.44 -5.43
N LEU A 213 6.57 5.28 -5.51
CA LEU A 213 6.69 4.27 -4.48
C LEU A 213 8.15 3.82 -4.34
N ALA A 214 8.85 3.75 -5.43
CA ALA A 214 10.27 3.42 -5.38
C ALA A 214 11.18 4.50 -4.76
N THR A 215 10.71 5.74 -4.49
CA THR A 215 11.56 6.72 -3.74
C THR A 215 11.56 6.48 -2.23
N ASP A 216 10.87 5.45 -1.77
CA ASP A 216 10.71 5.17 -0.35
C ASP A 216 12.00 4.53 0.02
N MET A 217 12.74 5.15 0.94
CA MET A 217 14.05 4.62 1.30
C MET A 217 14.07 3.24 1.87
N SER A 218 12.99 2.79 2.49
CA SER A 218 13.01 1.43 3.05
C SER A 218 13.18 0.36 1.99
N LYS A 219 12.82 0.70 0.74
CA LYS A 219 12.90 -0.18 -0.45
C LYS A 219 14.23 -0.07 -1.25
N HIS A 220 15.22 0.67 -0.73
CA HIS A 220 16.45 0.99 -1.43
C HIS A 220 17.35 -0.20 -1.71
N MET A 221 17.65 -0.98 -0.69
CA MET A 221 18.44 -2.18 -0.82
C MET A 221 17.81 -3.17 -1.82
N SER A 222 16.51 -3.31 -1.79
CA SER A 222 15.81 -4.23 -2.69
C SER A 222 15.92 -3.75 -4.12
N LEU A 223 15.87 -2.45 -4.27
CA LEU A 223 15.95 -1.85 -5.56
C LEU A 223 17.37 -1.92 -6.15
N LEU A 224 18.37 -1.74 -5.27
CA LEU A 224 19.76 -1.72 -5.63
C LEU A 224 20.18 -3.12 -5.99
N ALA A 225 19.63 -4.12 -5.29
CA ALA A 225 19.95 -5.50 -5.56
C ALA A 225 19.42 -5.82 -6.94
N ASP A 226 18.19 -5.45 -7.20
CA ASP A 226 17.59 -5.70 -8.51
C ASP A 226 18.29 -4.97 -9.67
N LEU A 227 18.81 -3.78 -9.41
CA LEU A 227 19.54 -3.01 -10.38
C LEU A 227 20.82 -3.78 -10.70
N LYS A 228 21.47 -4.36 -9.70
CA LYS A 228 22.72 -5.11 -9.91
C LYS A 228 22.53 -6.36 -10.77
N THR A 229 21.33 -6.94 -10.67
CA THR A 229 20.97 -8.13 -11.44
C THR A 229 20.66 -7.74 -12.89
N MET A 230 20.04 -6.58 -13.07
CA MET A 230 19.77 -6.09 -14.42
C MET A 230 21.06 -5.70 -15.16
N VAL A 231 22.03 -5.15 -14.44
CA VAL A 231 23.34 -4.84 -15.01
C VAL A 231 24.03 -6.14 -15.46
N GLU A 232 24.00 -7.16 -14.60
CA GLU A 232 24.60 -8.47 -14.86
C GLU A 232 24.20 -9.03 -16.22
N THR A 233 22.92 -8.96 -16.54
CA THR A 233 22.41 -9.49 -17.80
C THR A 233 22.16 -8.41 -18.87
N LYS A 234 22.87 -7.28 -18.75
CA LYS A 234 22.73 -6.12 -19.66
C LYS A 234 23.03 -6.50 -21.10
N LYS A 235 22.28 -5.90 -22.00
CA LYS A 235 22.41 -6.14 -23.45
C LYS A 235 22.28 -4.83 -24.24
N VAL A 236 22.99 -4.72 -25.35
CA VAL A 236 22.99 -3.50 -26.17
C VAL A 236 22.88 -3.80 -27.69
N THR A 237 22.39 -2.83 -28.46
CA THR A 237 22.20 -3.00 -29.90
C THR A 237 23.49 -3.01 -30.70
N SER A 238 24.61 -2.65 -30.09
CA SER A 238 25.91 -2.58 -30.80
C SER A 238 26.40 -1.13 -30.88
N SER A 239 25.48 -0.18 -30.87
CA SER A 239 25.84 1.24 -30.89
C SER A 239 25.88 1.76 -29.46
N GLY A 240 26.00 0.83 -28.51
CA GLY A 240 26.09 1.17 -27.09
C GLY A 240 24.79 1.64 -26.51
N VAL A 241 23.69 1.08 -27.01
CA VAL A 241 22.33 1.44 -26.60
C VAL A 241 21.66 0.20 -26.02
N LEU A 242 21.11 0.31 -24.81
CA LEU A 242 20.47 -0.80 -24.14
C LEU A 242 19.24 -1.38 -24.83
N LEU A 243 19.13 -2.70 -24.75
CA LEU A 243 18.00 -3.46 -25.27
C LEU A 243 17.19 -3.75 -24.02
N LEU A 244 16.06 -3.05 -23.90
CA LEU A 244 15.13 -3.24 -22.80
C LEU A 244 13.80 -3.73 -23.39
N ASP A 245 13.65 -5.05 -23.40
CA ASP A 245 12.44 -5.79 -23.87
C ASP A 245 11.15 -5.64 -22.97
N ASN A 246 10.17 -4.91 -23.49
CA ASN A 246 8.87 -4.62 -22.81
C ASN A 246 8.90 -4.10 -21.37
N TYR A 247 7.71 -3.66 -20.99
CA TYR A 247 7.42 -3.03 -19.73
C TYR A 247 8.28 -3.43 -18.53
N THR A 248 8.46 -4.69 -18.20
CA THR A 248 9.16 -4.98 -16.96
C THR A 248 10.53 -4.33 -16.83
N ASP A 249 11.35 -4.47 -17.87
CA ASP A 249 12.71 -3.93 -17.81
C ASP A 249 12.73 -2.41 -17.89
N ARG A 250 11.83 -1.86 -18.69
CA ARG A 250 11.77 -0.44 -18.86
C ARG A 250 11.40 0.27 -17.56
N ILE A 251 10.36 -0.18 -16.84
CA ILE A 251 9.94 0.52 -15.61
C ILE A 251 10.94 0.34 -14.51
N GLN A 252 11.74 -0.71 -14.58
CA GLN A 252 12.75 -0.93 -13.56
C GLN A 252 13.87 0.11 -13.63
N VAL A 253 14.19 0.51 -14.86
CA VAL A 253 15.25 1.48 -15.13
C VAL A 253 14.69 2.83 -14.78
N LEU A 254 13.44 3.11 -15.15
CA LEU A 254 12.81 4.39 -14.75
C LEU A 254 12.65 4.55 -13.21
N ARG A 255 12.33 3.45 -12.53
CA ARG A 255 12.19 3.42 -11.07
C ARG A 255 13.52 3.88 -10.54
N ASN A 256 14.59 3.26 -11.00
CA ASN A 256 15.93 3.54 -10.46
C ASN A 256 16.48 4.89 -10.84
N MET A 257 16.07 5.35 -12.03
CA MET A 257 16.46 6.64 -12.54
C MET A 257 15.91 7.76 -11.67
N VAL A 258 14.62 7.70 -11.34
CA VAL A 258 14.01 8.72 -10.49
C VAL A 258 14.58 8.60 -9.09
N HIS A 259 14.91 7.40 -8.66
CA HIS A 259 15.46 7.20 -7.31
C HIS A 259 16.84 7.76 -7.28
N CYS A 260 17.56 7.69 -8.42
CA CYS A 260 18.92 8.21 -8.54
C CYS A 260 18.84 9.71 -8.56
N ALA A 261 17.83 10.25 -9.24
CA ALA A 261 17.65 11.70 -9.30
C ALA A 261 17.34 12.27 -7.94
N ASP A 262 16.58 11.52 -7.15
CA ASP A 262 16.24 11.88 -5.81
C ASP A 262 17.47 11.81 -4.89
N LEU A 263 18.41 10.93 -5.17
CA LEU A 263 19.64 10.84 -4.35
C LEU A 263 20.77 11.32 -5.20
N SER A 264 20.57 12.44 -5.87
CA SER A 264 21.61 12.95 -6.70
C SER A 264 22.31 14.15 -6.15
N ASN A 265 21.92 14.69 -5.01
CA ASN A 265 22.64 15.90 -4.55
C ASN A 265 24.18 15.77 -4.52
N PRO A 266 24.74 14.70 -3.94
CA PRO A 266 26.22 14.57 -3.82
C PRO A 266 27.00 14.36 -5.11
N THR A 267 26.30 14.21 -6.24
CA THR A 267 26.91 14.08 -7.55
C THR A 267 26.97 15.41 -8.29
N LYS A 268 26.35 16.44 -7.72
CA LYS A 268 26.26 17.77 -8.29
C LYS A 268 27.48 18.57 -7.88
N SER A 269 27.65 19.74 -8.46
CA SER A 269 28.86 20.53 -8.10
C SER A 269 28.91 20.80 -6.59
N LEU A 270 30.09 20.90 -5.99
CA LEU A 270 30.21 21.12 -4.54
C LEU A 270 29.41 22.33 -3.99
N GLU A 271 29.39 23.44 -4.70
CA GLU A 271 28.62 24.64 -4.28
C GLU A 271 27.10 24.30 -4.07
N LEU A 272 26.58 23.44 -4.96
CA LEU A 272 25.18 23.03 -4.94
C LEU A 272 24.99 22.00 -3.81
N TYR A 273 25.85 20.98 -3.76
CA TYR A 273 25.79 19.92 -2.77
C TYR A 273 25.81 20.45 -1.35
N ARG A 274 26.59 21.47 -1.06
CA ARG A 274 26.66 22.00 0.31
C ARG A 274 25.34 22.72 0.67
N GLN A 275 24.73 23.43 -0.27
CA GLN A 275 23.43 24.09 0.00
C GLN A 275 22.36 23.03 0.23
N TRP A 276 22.40 21.97 -0.58
CA TRP A 276 21.49 20.81 -0.39
C TRP A 276 21.75 20.07 0.93
N THR A 277 23.03 19.93 1.31
CA THR A 277 23.37 19.29 2.60
C THR A 277 22.90 20.14 3.71
N ASP A 278 23.09 21.45 3.59
CA ASP A 278 22.63 22.33 4.66
C ASP A 278 21.10 22.27 4.81
N ARG A 279 20.37 22.18 3.70
CA ARG A 279 18.93 22.18 3.82
C ARG A 279 18.42 20.91 4.42
N ILE A 280 19.05 19.77 4.11
CA ILE A 280 18.59 18.53 4.70
C ILE A 280 18.89 18.40 6.20
N MET A 281 19.95 19.03 6.70
CA MET A 281 20.31 18.99 8.12
C MET A 281 19.40 19.92 8.90
N GLU A 282 19.00 21.02 8.28
CA GLU A 282 17.98 21.87 8.92
C GLU A 282 16.67 21.09 9.08
N GLU A 283 16.26 20.31 8.08
CA GLU A 283 15.01 19.56 8.21
C GLU A 283 15.11 18.52 9.31
N PHE A 284 16.19 17.73 9.28
CA PHE A 284 16.44 16.68 10.28
C PHE A 284 16.54 17.23 11.71
N PHE A 285 17.27 18.30 11.89
CA PHE A 285 17.43 18.88 13.24
C PHE A 285 16.09 19.37 13.78
N GLN A 286 15.26 19.95 12.92
CA GLN A 286 13.87 20.35 13.30
C GLN A 286 13.07 19.11 13.75
N GLN A 287 13.30 17.97 13.11
CA GLN A 287 12.64 16.71 13.48
C GLN A 287 13.19 16.25 14.82
N GLY A 288 14.49 16.36 15.02
CA GLY A 288 15.11 15.98 16.27
C GLY A 288 14.52 16.79 17.38
N ASP A 289 14.26 18.08 17.10
CA ASP A 289 13.67 18.99 18.12
C ASP A 289 12.22 18.58 18.44
N LYS A 290 11.41 18.35 17.38
CA LYS A 290 10.02 17.95 17.55
C LYS A 290 10.01 16.63 18.30
N GLU A 291 10.99 15.77 18.04
CA GLU A 291 11.13 14.48 18.76
C GLU A 291 11.43 14.73 20.24
N ARG A 292 12.38 15.60 20.53
CA ARG A 292 12.78 15.84 21.94
C ARG A 292 11.66 16.41 22.82
N GLU A 293 10.99 17.43 22.32
CA GLU A 293 9.86 18.09 22.98
C GLU A 293 8.89 17.06 23.55
N ARG A 294 8.69 15.97 22.80
CA ARG A 294 7.75 14.88 23.12
C ARG A 294 8.30 13.66 23.83
N GLY A 295 9.52 13.72 24.36
CA GLY A 295 10.10 12.58 25.07
C GLY A 295 10.33 11.32 24.23
N MET A 296 10.35 11.44 22.90
CA MET A 296 10.56 10.29 22.02
C MET A 296 12.06 10.05 21.95
N GLU A 297 12.46 8.88 21.47
CA GLU A 297 13.89 8.60 21.28
C GLU A 297 14.34 9.45 20.07
N ILE A 298 15.39 10.25 20.24
CA ILE A 298 15.91 11.05 19.11
C ILE A 298 16.88 10.16 18.36
N SER A 299 16.73 10.12 17.05
CA SER A 299 17.64 9.34 16.20
C SER A 299 18.92 10.11 15.90
N PRO A 300 20.07 9.46 16.11
CA PRO A 300 21.41 10.07 15.99
C PRO A 300 21.63 11.16 14.93
N MET A 301 21.19 10.95 13.69
CA MET A 301 21.40 11.92 12.62
C MET A 301 20.43 13.09 12.65
N CYS A 302 19.51 13.08 13.61
CA CYS A 302 18.55 14.15 13.79
C CYS A 302 18.87 14.94 15.08
N ASP A 303 19.95 14.51 15.76
CA ASP A 303 20.42 15.09 17.00
C ASP A 303 21.39 16.24 16.75
N LYS A 304 20.94 17.47 16.93
CA LYS A 304 21.80 18.63 16.71
C LYS A 304 22.96 18.75 17.75
N HIS A 305 22.79 18.16 18.93
CA HIS A 305 23.84 18.21 19.97
C HIS A 305 24.97 17.17 19.81
N THR A 306 24.84 16.21 18.88
CA THR A 306 25.83 15.13 18.65
C THR A 306 26.22 14.80 17.19
N ALA A 307 25.33 15.04 16.24
CA ALA A 307 25.57 14.66 14.84
C ALA A 307 26.55 15.54 14.09
N SER A 308 27.64 14.93 13.62
CA SER A 308 28.61 15.57 12.77
C SER A 308 28.00 15.65 11.38
N VAL A 309 27.81 16.85 10.85
CA VAL A 309 27.24 17.02 9.50
C VAL A 309 28.16 16.37 8.48
N GLU A 310 29.47 16.32 8.79
CA GLU A 310 30.47 15.92 7.78
C GLU A 310 30.59 14.40 7.63
N LYS A 311 30.80 13.71 8.76
CA LYS A 311 30.77 12.24 8.85
C LYS A 311 29.43 11.78 8.30
N SER A 312 28.39 12.42 8.75
CA SER A 312 27.08 12.08 8.25
C SER A 312 27.02 12.05 6.70
N GLN A 313 27.63 13.02 6.01
CA GLN A 313 27.54 13.03 4.52
C GLN A 313 28.48 11.95 3.93
N VAL A 314 29.59 11.67 4.62
CA VAL A 314 30.54 10.66 4.16
C VAL A 314 29.92 9.28 4.19
N GLY A 315 29.23 8.94 5.30
CA GLY A 315 28.47 7.70 5.44
C GLY A 315 27.39 7.61 4.37
N PHE A 316 26.73 8.72 4.09
CA PHE A 316 25.65 8.76 3.11
C PHE A 316 26.22 8.43 1.70
N ILE A 317 27.41 8.90 1.41
CA ILE A 317 28.04 8.59 0.12
C ILE A 317 28.57 7.13 0.09
N ASP A 318 29.22 6.71 1.16
CA ASP A 318 29.79 5.37 1.20
C ASP A 318 28.75 4.25 1.19
N TYR A 319 27.76 4.33 2.06
CA TYR A 319 26.77 3.29 2.22
C TYR A 319 25.52 3.40 1.34
N ILE A 320 25.23 4.56 0.76
CA ILE A 320 24.00 4.67 -0.02
C ILE A 320 24.21 5.22 -1.43
N VAL A 321 24.69 6.45 -1.56
CA VAL A 321 24.82 7.12 -2.85
C VAL A 321 25.85 6.50 -3.81
N HIS A 322 27.05 6.15 -3.34
CA HIS A 322 28.07 5.64 -4.26
C HIS A 322 27.73 4.25 -4.76
N PRO A 323 27.30 3.35 -3.88
CA PRO A 323 26.87 2.03 -4.31
C PRO A 323 25.79 2.07 -5.37
N LEU A 324 24.94 3.09 -5.31
CA LEU A 324 23.82 3.21 -6.26
C LEU A 324 24.28 3.79 -7.57
N TRP A 325 25.01 4.89 -7.49
CA TRP A 325 25.54 5.56 -8.67
C TRP A 325 26.60 4.72 -9.40
N GLU A 326 27.40 3.97 -8.63
CA GLU A 326 28.37 3.02 -9.18
C GLU A 326 27.66 1.99 -10.07
N THR A 327 26.47 1.56 -9.62
CA THR A 327 25.67 0.61 -10.38
C THR A 327 24.95 1.26 -11.55
N TRP A 328 24.52 2.51 -11.40
CA TRP A 328 23.87 3.22 -12.48
C TRP A 328 24.91 3.42 -13.60
N ALA A 329 26.09 3.86 -13.21
CA ALA A 329 27.21 4.07 -14.09
C ALA A 329 27.56 2.80 -14.90
N ASP A 330 27.51 1.63 -14.26
CA ASP A 330 27.77 0.36 -14.93
C ASP A 330 26.74 0.18 -16.02
N LEU A 331 25.47 0.42 -15.70
CA LEU A 331 24.37 0.30 -16.66
C LEU A 331 24.46 1.19 -17.89
N VAL A 332 24.96 2.40 -17.73
CA VAL A 332 25.02 3.37 -18.84
C VAL A 332 26.44 3.78 -19.20
N GLN A 333 27.46 3.03 -18.84
CA GLN A 333 28.83 3.52 -19.10
C GLN A 333 29.13 3.83 -20.54
N PRO A 334 29.98 4.81 -20.76
CA PRO A 334 30.68 5.60 -19.73
C PRO A 334 29.98 6.93 -19.52
N ASP A 335 28.67 6.97 -19.77
CA ASP A 335 27.88 8.18 -19.66
C ASP A 335 28.00 8.88 -18.30
N ALA A 336 28.15 8.10 -17.22
CA ALA A 336 28.17 8.68 -15.86
C ALA A 336 29.48 8.71 -15.16
N GLN A 337 30.58 8.53 -15.87
CA GLN A 337 31.87 8.61 -15.25
C GLN A 337 32.16 9.98 -14.64
N ASP A 338 31.74 11.07 -15.30
CA ASP A 338 31.99 12.41 -14.77
C ASP A 338 31.37 12.47 -13.39
N ILE A 339 30.09 12.11 -13.32
CA ILE A 339 29.32 12.07 -12.07
C ILE A 339 30.00 11.28 -10.93
N LEU A 340 30.60 10.13 -11.24
CA LEU A 340 31.30 9.32 -10.24
C LEU A 340 32.55 10.07 -9.79
N ASP A 341 33.28 10.69 -10.71
CA ASP A 341 34.43 11.53 -10.38
C ASP A 341 34.01 12.61 -9.37
N THR A 342 33.01 13.44 -9.73
CA THR A 342 32.50 14.53 -8.86
C THR A 342 32.12 13.99 -7.49
N LEU A 343 31.40 12.86 -7.50
CA LEU A 343 30.99 12.19 -6.29
C LEU A 343 32.16 11.81 -5.39
N GLU A 344 33.10 11.04 -5.91
CA GLU A 344 34.30 10.65 -5.21
C GLU A 344 35.13 11.87 -4.67
N ASP A 345 35.04 12.99 -5.40
CA ASP A 345 35.68 14.26 -5.06
C ASP A 345 34.94 15.01 -3.93
N ASN A 346 33.62 15.08 -4.01
CA ASN A 346 32.80 15.75 -3.00
C ASN A 346 32.94 14.97 -1.71
N ARG A 347 33.00 13.64 -1.86
CA ARG A 347 33.21 12.73 -0.72
C ARG A 347 34.45 13.14 0.02
N ASN A 348 35.52 13.41 -0.71
CA ASN A 348 36.81 13.77 -0.08
C ASN A 348 36.86 15.14 0.58
N TRP A 349 36.12 16.10 0.03
CA TRP A 349 35.98 17.43 0.61
C TRP A 349 35.37 17.29 2.00
N TYR A 350 34.29 16.50 2.10
CA TYR A 350 33.62 16.26 3.39
C TYR A 350 34.53 15.47 4.32
N GLN A 351 35.32 14.52 3.79
CA GLN A 351 36.21 13.73 4.64
C GLN A 351 37.26 14.65 5.22
N SER A 352 37.87 15.45 4.35
CA SER A 352 38.91 16.42 4.69
C SER A 352 38.46 17.56 5.63
N MET A 353 37.15 17.72 5.80
CA MET A 353 36.55 18.70 6.72
C MET A 353 36.36 18.13 8.14
N ILE A 354 36.51 16.81 8.31
CA ILE A 354 36.51 16.15 9.65
C ILE A 354 37.93 15.93 10.11
N PRO A 355 38.25 16.21 11.38
CA PRO A 355 39.55 15.81 11.96
C PRO A 355 39.65 14.29 12.16
N GLU B 33 -31.94 -13.03 25.21
CA GLU B 33 -33.14 -13.63 25.82
C GLU B 33 -33.03 -15.13 25.64
N ASP B 34 -34.13 -15.85 25.78
CA ASP B 34 -34.07 -17.28 25.66
C ASP B 34 -33.56 -17.75 24.29
N HIS B 35 -34.26 -17.40 23.20
CA HIS B 35 -33.86 -17.82 21.85
C HIS B 35 -32.45 -17.43 21.54
N LEU B 36 -32.09 -16.20 21.90
CA LEU B 36 -30.73 -15.71 21.69
C LEU B 36 -29.71 -16.61 22.41
N ALA B 37 -29.95 -16.91 23.69
CA ALA B 37 -29.02 -17.74 24.49
C ALA B 37 -28.89 -19.16 23.95
N LYS B 38 -29.99 -19.76 23.48
CA LYS B 38 -29.92 -21.11 22.90
C LYS B 38 -29.14 -21.12 21.56
N GLU B 39 -29.21 -20.01 20.82
CA GLU B 39 -28.51 -19.88 19.56
C GLU B 39 -27.01 -19.81 19.91
N LEU B 40 -26.68 -19.15 21.01
CA LEU B 40 -25.28 -18.99 21.43
C LEU B 40 -24.61 -20.18 22.14
N GLU B 41 -25.33 -21.29 22.29
CA GLU B 41 -24.78 -22.52 22.87
C GLU B 41 -23.90 -23.19 21.83
N ASP B 42 -24.05 -22.78 20.57
CA ASP B 42 -23.24 -23.24 19.46
C ASP B 42 -22.08 -22.25 19.08
N LEU B 43 -21.71 -21.31 19.97
CA LEU B 43 -20.61 -20.34 19.73
C LEU B 43 -19.32 -20.97 19.24
N ASN B 44 -18.95 -22.07 19.90
CA ASN B 44 -17.76 -22.80 19.57
C ASN B 44 -17.95 -23.78 18.39
N LYS B 45 -19.01 -23.62 17.60
CA LYS B 45 -19.31 -24.56 16.56
C LYS B 45 -19.45 -23.95 15.17
N TRP B 46 -19.00 -24.71 14.18
CA TRP B 46 -19.17 -24.33 12.79
C TRP B 46 -20.66 -24.19 12.43
N GLY B 47 -21.56 -24.91 13.13
CA GLY B 47 -23.00 -24.86 12.83
C GLY B 47 -23.84 -23.71 13.43
N LEU B 48 -23.18 -22.75 14.08
CA LEU B 48 -23.83 -21.59 14.66
C LEU B 48 -24.57 -20.85 13.59
N ASN B 49 -25.75 -20.35 13.93
CA ASN B 49 -26.57 -19.63 12.96
C ASN B 49 -26.53 -18.13 13.32
N ILE B 50 -25.64 -17.39 12.63
CA ILE B 50 -25.47 -15.96 12.92
C ILE B 50 -26.68 -15.13 12.46
N PHE B 51 -27.42 -15.65 11.48
CA PHE B 51 -28.64 -15.01 11.00
C PHE B 51 -29.66 -14.98 12.15
N ASN B 52 -29.78 -16.09 12.87
CA ASN B 52 -30.69 -16.19 13.99
C ASN B 52 -30.22 -15.28 15.09
N VAL B 53 -28.92 -15.25 15.38
CA VAL B 53 -28.42 -14.37 16.42
C VAL B 53 -28.62 -12.90 16.09
N ALA B 54 -28.62 -12.54 14.80
CA ALA B 54 -28.90 -11.17 14.35
C ALA B 54 -30.33 -10.81 14.64
N GLY B 55 -31.26 -11.69 14.26
CA GLY B 55 -32.66 -11.46 14.55
C GLY B 55 -32.96 -11.31 16.05
N TYR B 56 -32.26 -12.07 16.90
CA TYR B 56 -32.50 -12.02 18.33
C TYR B 56 -31.62 -11.03 19.11
N SER B 57 -30.75 -10.28 18.44
CA SER B 57 -29.92 -9.29 19.15
C SER B 57 -30.29 -7.81 18.77
N HIS B 58 -31.40 -7.69 18.02
CA HIS B 58 -31.95 -6.45 17.46
C HIS B 58 -30.87 -5.87 16.53
N ASN B 59 -30.72 -6.57 15.41
CA ASN B 59 -29.72 -6.32 14.41
C ASN B 59 -28.36 -5.85 14.96
N ARG B 60 -27.82 -6.58 15.94
CA ARG B 60 -26.45 -6.34 16.47
C ARG B 60 -25.56 -7.62 16.47
N PRO B 61 -25.52 -8.31 15.34
CA PRO B 61 -24.82 -9.58 15.30
C PRO B 61 -23.40 -9.40 15.60
N LEU B 62 -22.76 -8.40 15.04
CA LEU B 62 -21.32 -8.25 15.29
C LEU B 62 -20.96 -7.85 16.68
N THR B 63 -21.74 -6.98 17.31
CA THR B 63 -21.43 -6.52 18.66
C THR B 63 -21.67 -7.66 19.62
N ILE B 65 -21.91 -11.02 18.88
CA ILE B 65 -20.98 -12.15 18.72
C ILE B 65 -19.58 -11.87 19.21
N MET B 66 -19.14 -10.61 19.14
CA MET B 66 -17.80 -10.24 19.58
C MET B 66 -17.79 -10.25 21.09
N TYR B 67 -18.83 -9.73 21.71
CA TYR B 67 -18.87 -9.71 23.17
C TYR B 67 -18.90 -11.16 23.66
N ALA B 68 -19.75 -11.99 23.03
CA ALA B 68 -19.76 -13.43 23.38
C ALA B 68 -18.39 -14.06 23.19
N ILE B 69 -17.78 -13.88 22.01
CA ILE B 69 -16.44 -14.46 21.77
C ILE B 69 -15.39 -13.97 22.77
N PHE B 70 -15.40 -12.67 23.06
CA PHE B 70 -14.39 -12.13 23.99
C PHE B 70 -14.53 -12.75 25.36
N GLN B 71 -15.76 -12.89 25.85
CA GLN B 71 -15.99 -13.56 27.14
C GLN B 71 -15.63 -15.07 27.16
N GLU B 72 -16.02 -15.83 26.14
CA GLU B 72 -15.68 -17.28 26.16
C GLU B 72 -14.18 -17.50 26.33
N ARG B 73 -13.36 -16.68 25.65
CA ARG B 73 -11.90 -16.80 25.66
C ARG B 73 -11.17 -16.05 26.82
N ASP B 74 -11.94 -15.37 27.66
CA ASP B 74 -11.39 -14.59 28.80
C ASP B 74 -10.60 -13.31 28.41
N LEU B 75 -10.81 -12.85 27.18
CA LEU B 75 -10.04 -11.75 26.59
C LEU B 75 -10.23 -10.37 27.19
N LEU B 76 -11.42 -10.09 27.74
CA LEU B 76 -11.67 -8.82 28.41
C LEU B 76 -10.80 -8.78 29.68
N LYS B 77 -10.67 -9.88 30.38
CA LYS B 77 -9.87 -9.89 31.64
C LYS B 77 -8.37 -9.87 31.38
N THR B 78 -7.92 -10.68 30.42
CA THR B 78 -6.52 -10.79 30.02
C THR B 78 -5.86 -9.49 29.59
N PHE B 79 -6.51 -8.77 28.69
CA PHE B 79 -5.94 -7.52 28.21
C PHE B 79 -6.58 -6.25 28.84
N ARG B 80 -7.15 -6.42 30.06
CA ARG B 80 -7.85 -5.38 30.81
C ARG B 80 -8.69 -4.47 29.90
N ILE B 81 -9.64 -5.01 29.17
CA ILE B 81 -10.50 -4.15 28.36
C ILE B 81 -11.77 -3.90 29.12
N SER B 82 -12.18 -2.65 29.27
CA SER B 82 -13.42 -2.41 29.97
C SER B 82 -14.57 -2.82 29.07
N SER B 83 -15.64 -3.29 29.72
CA SER B 83 -16.82 -3.76 29.04
C SER B 83 -17.55 -2.59 28.36
N ASP B 84 -17.55 -1.43 29.02
CA ASP B 84 -18.19 -0.24 28.47
C ASP B 84 -17.44 0.12 27.17
N THR B 85 -16.13 0.30 27.32
CA THR B 85 -15.23 0.57 26.19
C THR B 85 -15.39 -0.35 25.01
N PHE B 86 -15.43 -1.65 25.33
CA PHE B 86 -15.48 -2.67 24.35
C PHE B 86 -16.75 -2.61 23.53
N ILE B 87 -17.87 -2.58 24.24
CA ILE B 87 -19.22 -2.53 23.63
C ILE B 87 -19.36 -1.29 22.78
N THR B 88 -18.90 -0.17 23.33
CA THR B 88 -18.97 1.14 22.66
C THR B 88 -18.19 1.13 21.38
N TYR B 89 -16.98 0.59 21.43
CA TYR B 89 -16.19 0.51 20.24
C TYR B 89 -16.92 -0.35 19.22
N MET B 90 -17.42 -1.53 19.65
CA MET B 90 -18.09 -2.45 18.71
C MET B 90 -19.39 -1.93 18.18
N MET B 91 -20.11 -1.12 18.96
CA MET B 91 -21.36 -0.59 18.45
C MET B 91 -21.03 0.33 17.31
N THR B 92 -19.99 1.14 17.48
CA THR B 92 -19.57 2.13 16.45
C THR B 92 -19.03 1.43 15.21
N LEU B 93 -18.22 0.37 15.46
CA LEU B 93 -17.67 -0.38 14.36
C LEU B 93 -18.80 -0.92 13.55
N GLU B 94 -19.78 -1.50 14.25
CA GLU B 94 -20.92 -2.07 13.57
C GLU B 94 -21.74 -1.05 12.79
N ASP B 95 -21.86 0.17 13.30
CA ASP B 95 -22.60 1.26 12.62
C ASP B 95 -21.89 1.70 11.34
N HIS B 96 -20.60 1.39 11.27
CA HIS B 96 -19.76 1.69 10.12
C HIS B 96 -19.86 0.67 8.97
N TYR B 97 -20.57 -0.43 9.20
CA TYR B 97 -20.88 -1.38 8.17
C TYR B 97 -22.18 -0.82 7.59
N HIS B 98 -22.40 -1.03 6.30
CA HIS B 98 -23.58 -0.44 5.62
C HIS B 98 -24.77 -1.41 5.55
N SER B 99 -25.90 -1.06 6.14
CA SER B 99 -27.08 -1.93 6.12
C SER B 99 -27.72 -2.05 4.76
N ASP B 100 -27.47 -1.05 3.90
CA ASP B 100 -28.00 -1.02 2.53
C ASP B 100 -27.13 -1.86 1.58
N VAL B 101 -26.15 -2.59 2.08
CA VAL B 101 -25.28 -3.39 1.24
C VAL B 101 -25.71 -4.83 1.69
N ALA B 102 -26.01 -5.65 0.69
CA ALA B 102 -26.61 -6.96 0.88
C ALA B 102 -25.72 -7.99 1.51
N TYR B 103 -24.47 -7.99 1.05
CA TYR B 103 -23.51 -8.95 1.58
C TYR B 103 -22.52 -8.40 2.53
N HIS B 104 -21.94 -7.25 2.19
CA HIS B 104 -20.84 -6.73 3.08
C HIS B 104 -21.30 -5.86 4.21
N ASN B 105 -22.33 -6.33 4.89
CA ASN B 105 -22.91 -5.58 5.99
C ASN B 105 -22.28 -6.18 7.26
N SER B 106 -22.82 -5.98 8.45
CA SER B 106 -22.04 -6.47 9.67
C SER B 106 -22.34 -7.93 10.10
N LEU B 107 -23.30 -8.51 9.42
CA LEU B 107 -23.61 -9.94 9.58
C LEU B 107 -22.46 -10.82 9.03
N HIS B 108 -21.92 -10.41 7.88
CA HIS B 108 -20.71 -11.03 7.33
C HIS B 108 -19.47 -10.81 8.23
N ALA B 109 -19.31 -9.64 8.83
CA ALA B 109 -18.19 -9.43 9.74
C ALA B 109 -18.39 -10.36 10.89
N ALA B 110 -19.61 -10.42 11.41
CA ALA B 110 -19.92 -11.31 12.54
C ALA B 110 -19.56 -12.81 12.30
N ASP B 111 -19.95 -13.29 11.12
CA ASP B 111 -19.69 -14.62 10.63
C ASP B 111 -18.22 -15.00 10.50
N VAL B 112 -17.38 -14.08 9.97
CA VAL B 112 -15.95 -14.28 9.71
C VAL B 112 -15.29 -14.22 11.11
N ALA B 113 -15.78 -13.35 11.97
CA ALA B 113 -15.26 -13.24 13.31
C ALA B 113 -15.56 -14.54 14.01
N GLN B 114 -16.78 -15.06 13.88
CA GLN B 114 -17.21 -16.27 14.62
C GLN B 114 -16.46 -17.51 14.13
N SER B 115 -16.41 -17.67 12.83
CA SER B 115 -15.66 -18.71 12.18
C SER B 115 -14.15 -18.73 12.56
N THR B 116 -13.56 -17.55 12.71
CA THR B 116 -12.17 -17.39 13.04
C THR B 116 -12.01 -17.93 14.49
N HIS B 117 -12.92 -17.53 15.36
CA HIS B 117 -12.96 -18.08 16.74
C HIS B 117 -12.95 -19.60 16.77
N VAL B 118 -13.62 -20.23 15.81
CA VAL B 118 -13.74 -21.69 15.79
C VAL B 118 -12.43 -22.28 15.26
N LEU B 119 -11.96 -21.80 14.07
CA LEU B 119 -10.66 -22.21 13.49
C LEU B 119 -9.49 -22.04 14.50
N LEU B 120 -9.50 -20.99 15.33
CA LEU B 120 -8.46 -20.80 16.35
C LEU B 120 -8.38 -21.96 17.32
N SER B 121 -9.51 -22.62 17.54
CA SER B 121 -9.61 -23.78 18.43
C SER B 121 -9.34 -25.17 17.81
N THR B 122 -8.97 -25.22 16.52
CA THR B 122 -8.61 -26.48 15.86
C THR B 122 -7.62 -27.21 16.76
N PRO B 123 -7.83 -28.50 17.03
CA PRO B 123 -6.91 -29.30 17.87
C PRO B 123 -5.49 -29.28 17.33
N ALA B 124 -5.32 -29.36 16.03
CA ALA B 124 -3.99 -29.29 15.40
C ALA B 124 -3.20 -28.01 15.77
N LEU B 125 -3.86 -26.88 15.93
CA LEU B 125 -3.18 -25.64 16.31
C LEU B 125 -3.23 -25.33 17.81
N ASP B 126 -3.57 -26.32 18.65
CA ASP B 126 -3.76 -26.16 20.11
C ASP B 126 -2.58 -25.50 20.76
N ALA B 127 -2.81 -24.43 21.53
CA ALA B 127 -1.74 -23.74 22.30
C ALA B 127 -0.53 -23.18 21.49
N VAL B 128 -0.65 -23.16 20.18
CA VAL B 128 0.43 -22.70 19.29
C VAL B 128 0.54 -21.19 19.35
N PHE B 129 -0.60 -20.56 19.59
CA PHE B 129 -0.72 -19.14 19.59
C PHE B 129 -0.79 -18.49 20.97
N THR B 130 -0.33 -17.25 20.98
CA THR B 130 -0.29 -16.39 22.15
C THR B 130 -1.66 -15.70 22.23
N ASP B 131 -2.01 -15.26 23.42
CA ASP B 131 -3.24 -14.50 23.66
C ASP B 131 -3.33 -13.32 22.71
N LEU B 132 -2.19 -12.66 22.53
CA LEU B 132 -2.12 -11.51 21.69
C LEU B 132 -2.51 -11.79 20.23
N GLU B 133 -2.06 -12.92 19.72
CA GLU B 133 -2.28 -13.36 18.38
C GLU B 133 -3.72 -13.77 18.20
N ILE B 134 -4.33 -14.33 19.23
CA ILE B 134 -5.75 -14.68 19.16
C ILE B 134 -6.59 -13.41 19.03
N LEU B 135 -6.26 -12.44 19.86
CA LEU B 135 -6.88 -11.11 19.85
C LEU B 135 -6.82 -10.47 18.48
N ALA B 136 -5.59 -10.38 17.95
CA ALA B 136 -5.32 -9.82 16.64
C ALA B 136 -6.22 -10.33 15.60
N ALA B 137 -6.33 -11.65 15.54
CA ALA B 137 -7.10 -12.36 14.53
C ALA B 137 -8.56 -12.16 14.64
N ILE B 138 -9.08 -12.19 15.85
CA ILE B 138 -10.54 -11.94 16.01
C ILE B 138 -10.94 -10.47 15.68
N PHE B 139 -10.12 -9.55 16.17
CA PHE B 139 -10.26 -8.14 15.89
C PHE B 139 -10.17 -7.88 14.39
N ALA B 140 -9.20 -8.53 13.74
CA ALA B 140 -9.07 -8.28 12.30
C ALA B 140 -10.28 -8.73 11.55
N ALA B 141 -10.75 -9.90 11.95
CA ALA B 141 -11.92 -10.50 11.35
C ALA B 141 -13.10 -9.50 11.42
N ALA B 142 -13.33 -8.94 12.62
CA ALA B 142 -14.36 -7.91 12.93
C ALA B 142 -14.30 -6.62 12.07
N ILE B 143 -13.08 -6.17 11.78
CA ILE B 143 -12.91 -4.96 11.04
C ILE B 143 -12.72 -5.16 9.53
N HIS B 144 -12.41 -6.38 9.11
CA HIS B 144 -11.89 -6.64 7.78
C HIS B 144 -12.70 -6.12 6.63
N ASP B 145 -14.00 -5.81 6.80
CA ASP B 145 -14.80 -5.31 5.68
C ASP B 145 -15.59 -4.01 5.99
N VAL B 146 -15.20 -3.38 7.09
CA VAL B 146 -15.87 -2.23 7.55
C VAL B 146 -15.88 -1.06 6.57
N ASP B 147 -16.99 -0.35 6.51
CA ASP B 147 -17.22 0.72 5.59
C ASP B 147 -17.20 0.27 4.10
N HIS B 148 -17.50 -0.99 3.89
CA HIS B 148 -17.56 -1.52 2.55
C HIS B 148 -18.76 -0.86 1.76
N PRO B 149 -18.58 -0.31 0.55
CA PRO B 149 -19.66 0.33 -0.18
C PRO B 149 -20.39 -0.60 -1.08
N GLY B 150 -19.97 -1.87 -1.13
CA GLY B 150 -20.69 -2.83 -1.88
C GLY B 150 -20.27 -2.96 -3.32
N VAL B 151 -19.13 -2.38 -3.72
CA VAL B 151 -18.60 -2.56 -5.07
C VAL B 151 -17.20 -3.02 -4.94
N SER B 152 -16.72 -3.65 -5.99
CA SER B 152 -15.35 -4.18 -5.98
C SER B 152 -14.23 -3.16 -6.10
N ASN B 153 -13.02 -3.60 -5.80
CA ASN B 153 -11.79 -2.78 -5.84
C ASN B 153 -11.59 -2.30 -7.26
N GLN B 154 -11.86 -3.19 -8.21
CA GLN B 154 -11.76 -2.86 -9.63
C GLN B 154 -12.81 -1.88 -10.18
N PHE B 155 -14.02 -1.84 -9.59
CA PHE B 155 -15.09 -0.88 -10.03
C PHE B 155 -14.67 0.55 -9.57
N LEU B 156 -14.16 0.64 -8.35
CA LEU B 156 -13.66 1.92 -7.82
C LEU B 156 -12.50 2.49 -8.67
N ILE B 157 -11.59 1.62 -9.08
CA ILE B 157 -10.47 1.99 -9.91
C ILE B 157 -10.95 2.39 -11.27
N ASN B 158 -11.87 1.60 -11.88
CA ASN B 158 -12.35 1.92 -13.24
C ASN B 158 -13.10 3.25 -13.22
N THR B 159 -13.69 3.64 -12.07
CA THR B 159 -14.46 4.90 -11.97
C THR B 159 -13.72 6.06 -11.24
N ASN B 160 -12.41 5.92 -11.03
CA ASN B 160 -11.59 6.96 -10.35
C ASN B 160 -12.15 7.41 -8.99
N SER B 161 -12.77 6.52 -8.29
CA SER B 161 -13.28 6.79 -6.94
C SER B 161 -12.22 7.47 -6.09
N GLU B 162 -12.64 8.08 -4.98
CA GLU B 162 -11.75 8.74 -4.06
C GLU B 162 -10.85 7.76 -3.40
N LEU B 163 -11.37 6.62 -3.01
CA LEU B 163 -10.55 5.59 -2.35
C LEU B 163 -9.48 5.06 -3.29
N ALA B 164 -9.79 4.91 -4.57
CA ALA B 164 -8.80 4.48 -5.56
C ALA B 164 -7.69 5.49 -5.76
N LEU B 165 -8.00 6.81 -5.75
CA LEU B 165 -7.04 7.90 -5.86
C LEU B 165 -6.23 7.96 -4.52
N MET B 166 -6.90 7.78 -3.39
CA MET B 166 -6.20 7.85 -2.12
C MET B 166 -5.20 6.71 -1.96
N TYR B 167 -5.62 5.49 -2.26
CA TYR B 167 -4.79 4.29 -2.13
C TYR B 167 -4.02 3.81 -3.37
N ASN B 168 -3.93 4.65 -4.37
CA ASN B 168 -3.13 4.29 -5.53
C ASN B 168 -3.48 2.92 -6.20
N ASP B 169 -4.78 2.62 -6.28
CA ASP B 169 -5.29 1.38 -6.90
C ASP B 169 -4.86 0.04 -6.25
N GLU B 170 -4.15 0.07 -5.13
CA GLU B 170 -3.62 -1.13 -4.47
C GLU B 170 -4.38 -1.49 -3.23
N SER B 171 -4.96 -2.68 -3.21
CA SER B 171 -5.75 -3.11 -2.04
C SER B 171 -6.58 -1.94 -1.50
N VAL B 172 -7.34 -1.35 -2.40
CA VAL B 172 -8.12 -0.18 -2.09
C VAL B 172 -9.09 -0.33 -0.93
N LEU B 173 -9.96 -1.37 -0.90
CA LEU B 173 -10.99 -1.45 0.14
C LEU B 173 -10.32 -1.91 1.42
N GLU B 174 -9.35 -2.80 1.25
CA GLU B 174 -8.64 -3.41 2.35
C GLU B 174 -7.85 -2.47 3.17
N ASN B 175 -7.02 -1.68 2.53
CA ASN B 175 -6.36 -0.60 3.22
C ASN B 175 -7.37 0.29 3.98
N HIS B 176 -8.43 0.66 3.28
CA HIS B 176 -9.52 1.46 3.86
C HIS B 176 -10.19 0.81 5.06
N HIS B 177 -10.56 -0.51 4.98
CA HIS B 177 -11.17 -1.15 6.16
C HIS B 177 -10.31 -1.01 7.38
N LEU B 178 -9.01 -1.13 7.20
CA LEU B 178 -8.07 -1.10 8.34
C LEU B 178 -7.91 0.31 8.91
N ALA B 179 -8.03 1.31 8.02
CA ALA B 179 -7.84 2.70 8.35
C ALA B 179 -8.97 3.08 9.28
N VAL B 180 -10.21 2.79 8.82
CA VAL B 180 -11.45 3.07 9.60
C VAL B 180 -11.42 2.35 10.97
N GLY B 181 -11.19 1.06 10.93
CA GLY B 181 -11.09 0.24 12.12
C GLY B 181 -10.08 0.77 13.09
N PHE B 182 -8.90 1.17 12.64
CA PHE B 182 -7.87 1.71 13.63
C PHE B 182 -8.20 3.15 14.00
N LYS B 183 -8.82 3.88 13.09
CA LYS B 183 -9.22 5.28 13.41
C LYS B 183 -10.24 5.39 14.59
N LEU B 184 -11.21 4.48 14.66
CA LEU B 184 -12.25 4.42 15.72
C LEU B 184 -11.72 4.16 17.14
N LEU B 185 -10.51 3.66 17.22
CA LEU B 185 -9.80 3.41 18.49
C LEU B 185 -9.12 4.58 19.06
N GLN B 186 -9.10 5.68 18.34
CA GLN B 186 -8.35 6.85 18.75
C GLN B 186 -8.90 7.64 19.92
N GLU B 187 -10.21 7.72 20.05
CA GLU B 187 -10.82 8.35 21.27
C GLU B 187 -10.48 7.46 22.48
N GLU B 188 -10.15 7.99 23.63
CA GLU B 188 -9.86 7.09 24.76
C GLU B 188 -11.11 6.23 25.17
N HIS B 189 -12.34 6.77 25.02
CA HIS B 189 -13.57 6.04 25.40
C HIS B 189 -13.87 4.84 24.51
N CYS B 190 -13.17 4.76 23.37
CA CYS B 190 -13.28 3.62 22.48
C CYS B 190 -11.96 2.80 22.43
N ASP B 191 -10.89 3.27 23.02
CA ASP B 191 -9.63 2.51 22.96
C ASP B 191 -9.64 1.11 23.65
N ILE B 192 -10.00 0.06 22.94
CA ILE B 192 -10.00 -1.28 23.54
C ILE B 192 -8.60 -1.93 23.64
N PHE B 193 -7.59 -1.32 23.05
CA PHE B 193 -6.25 -1.85 23.21
C PHE B 193 -5.47 -0.91 24.16
N MET B 194 -6.20 -0.01 24.85
CA MET B 194 -5.57 0.98 25.73
C MET B 194 -4.55 0.42 26.73
N ASN B 195 -4.79 -0.78 27.25
CA ASN B 195 -3.87 -1.34 28.30
C ASN B 195 -2.85 -2.37 27.93
N LEU B 196 -2.76 -2.69 26.63
CA LEU B 196 -1.66 -3.52 26.20
C LEU B 196 -0.35 -2.67 26.38
N THR B 197 0.81 -3.34 26.42
CA THR B 197 2.11 -2.61 26.42
C THR B 197 2.19 -1.89 25.04
N LYS B 198 3.04 -0.87 24.92
CA LYS B 198 3.25 -0.18 23.63
C LYS B 198 3.83 -1.21 22.64
N LYS B 199 4.64 -2.14 23.13
CA LYS B 199 5.21 -3.17 22.28
C LYS B 199 4.08 -4.02 21.72
N GLN B 200 3.24 -4.57 22.61
CA GLN B 200 2.12 -5.41 22.20
C GLN B 200 1.24 -4.73 21.16
N ARG B 201 1.07 -3.40 21.21
CA ARG B 201 0.27 -2.70 20.17
C ARG B 201 0.95 -2.74 18.79
N GLN B 202 2.25 -2.45 18.71
CA GLN B 202 2.96 -2.53 17.40
C GLN B 202 2.73 -3.91 16.80
N THR B 203 3.10 -4.93 17.58
CA THR B 203 2.88 -6.30 17.16
C THR B 203 1.39 -6.54 16.70
N LEU B 204 0.41 -6.24 17.57
CA LEU B 204 -0.98 -6.47 17.19
C LEU B 204 -1.33 -5.70 15.90
N ARG B 205 -0.89 -4.44 15.84
CA ARG B 205 -1.12 -3.56 14.69
C ARG B 205 -0.56 -4.19 13.40
N LYS B 206 0.68 -4.64 13.48
CA LYS B 206 1.34 -5.31 12.36
C LYS B 206 0.54 -6.55 11.98
N MET B 207 0.20 -7.37 12.95
CA MET B 207 -0.56 -8.60 12.65
C MET B 207 -1.89 -8.34 11.97
N VAL B 208 -2.67 -7.40 12.52
CA VAL B 208 -3.97 -7.06 12.01
C VAL B 208 -3.90 -6.50 10.60
N ILE B 209 -2.90 -5.63 10.37
CA ILE B 209 -2.67 -5.06 9.04
C ILE B 209 -2.37 -6.20 8.03
N ASP B 210 -1.52 -7.10 8.45
CA ASP B 210 -1.15 -8.27 7.66
C ASP B 210 -2.37 -9.12 7.27
N MET B 211 -3.19 -9.42 8.28
CA MET B 211 -4.40 -10.23 8.12
C MET B 211 -5.42 -9.64 7.21
N VAL B 212 -5.65 -8.34 7.39
CA VAL B 212 -6.69 -7.70 6.62
C VAL B 212 -6.28 -7.56 5.16
N LEU B 213 -5.04 -7.15 4.90
CA LEU B 213 -4.55 -7.00 3.53
C LEU B 213 -4.58 -8.33 2.84
N ALA B 214 -4.31 -9.40 3.61
CA ALA B 214 -4.44 -10.76 3.10
C ALA B 214 -5.86 -11.14 2.66
N THR B 215 -6.87 -10.31 2.96
CA THR B 215 -8.19 -10.71 2.56
C THR B 215 -8.45 -10.25 1.13
N ASP B 216 -7.46 -9.67 0.46
CA ASP B 216 -7.58 -9.11 -0.89
C ASP B 216 -7.46 -10.26 -1.84
N MET B 217 -8.52 -10.47 -2.59
CA MET B 217 -8.60 -11.60 -3.49
C MET B 217 -7.53 -11.66 -4.54
N SER B 218 -6.96 -10.52 -4.93
CA SER B 218 -5.90 -10.46 -5.96
C SER B 218 -4.60 -11.10 -5.46
N LYS B 219 -4.54 -11.30 -4.15
CA LYS B 219 -3.45 -11.95 -3.42
C LYS B 219 -3.78 -13.42 -3.05
N HIS B 220 -4.91 -13.95 -3.50
CA HIS B 220 -5.38 -15.27 -3.12
C HIS B 220 -4.46 -16.40 -3.59
N MET B 221 -4.13 -16.38 -4.87
CA MET B 221 -3.28 -17.37 -5.49
C MET B 221 -1.89 -17.40 -4.89
N SER B 222 -1.42 -16.28 -4.36
CA SER B 222 -0.10 -16.21 -3.76
C SER B 222 -0.14 -16.75 -2.34
N LEU B 223 -1.28 -16.58 -1.70
CA LEU B 223 -1.46 -17.05 -0.33
C LEU B 223 -1.62 -18.58 -0.30
N LEU B 224 -2.24 -19.11 -1.36
CA LEU B 224 -2.57 -20.51 -1.54
C LEU B 224 -1.32 -21.24 -1.89
N ALA B 225 -0.56 -20.69 -2.83
CA ALA B 225 0.73 -21.29 -3.22
C ALA B 225 1.67 -21.35 -2.01
N ASP B 226 1.73 -20.30 -1.21
CA ASP B 226 2.60 -20.25 -0.04
C ASP B 226 2.15 -21.17 1.10
N LEU B 227 0.85 -21.40 1.23
CA LEU B 227 0.34 -22.25 2.30
C LEU B 227 0.58 -23.71 1.95
N LYS B 228 0.65 -24.02 0.66
CA LYS B 228 0.91 -25.36 0.17
C LYS B 228 2.35 -25.75 0.54
N THR B 229 3.24 -24.76 0.60
CA THR B 229 4.65 -24.96 0.98
C THR B 229 4.70 -25.17 2.48
N MET B 230 3.90 -24.43 3.21
CA MET B 230 3.90 -24.63 4.64
C MET B 230 3.52 -26.08 4.96
N VAL B 231 2.47 -26.58 4.31
CA VAL B 231 2.00 -27.95 4.47
C VAL B 231 3.12 -28.98 4.19
N GLU B 232 3.98 -28.69 3.21
CA GLU B 232 5.05 -29.61 2.81
C GLU B 232 6.17 -29.76 3.83
N THR B 233 6.56 -28.66 4.48
CA THR B 233 7.63 -28.69 5.48
C THR B 233 7.00 -28.81 6.86
N LYS B 234 5.70 -29.05 6.86
CA LYS B 234 4.89 -29.18 8.07
C LYS B 234 5.52 -30.15 9.02
N LYS B 235 5.51 -29.81 10.29
CA LYS B 235 6.02 -30.69 11.33
C LYS B 235 5.03 -30.64 12.47
N VAL B 236 4.54 -31.78 12.92
CA VAL B 236 3.67 -31.82 14.09
C VAL B 236 4.43 -32.59 15.19
N THR B 237 4.45 -32.06 16.41
CA THR B 237 5.07 -32.72 17.60
C THR B 237 4.35 -33.99 18.03
N SER B 238 4.92 -34.69 19.03
CA SER B 238 4.37 -35.93 19.57
C SER B 238 2.90 -35.88 19.93
N SER B 239 2.46 -34.74 20.45
CA SER B 239 1.09 -34.52 20.89
C SER B 239 0.03 -34.38 19.76
N GLY B 240 0.49 -34.17 18.53
CA GLY B 240 -0.39 -34.03 17.36
C GLY B 240 -0.72 -32.59 17.04
N VAL B 241 0.23 -31.70 17.30
CA VAL B 241 0.05 -30.27 17.10
C VAL B 241 1.22 -29.66 16.32
N LEU B 242 0.92 -28.70 15.46
CA LEU B 242 1.96 -28.08 14.65
C LEU B 242 2.98 -27.36 15.51
N LEU B 243 4.21 -27.37 15.02
CA LEU B 243 5.33 -26.69 15.65
C LEU B 243 5.58 -25.47 14.78
N LEU B 244 5.20 -24.28 15.25
CA LEU B 244 5.41 -23.08 14.45
C LEU B 244 6.60 -22.31 15.01
N ASP B 245 7.76 -22.54 14.36
CA ASP B 245 9.09 -21.93 14.61
C ASP B 245 9.07 -20.58 15.32
N ASN B 246 8.60 -19.56 14.59
CA ASN B 246 8.48 -18.22 15.13
C ASN B 246 7.54 -17.38 14.26
N TYR B 247 7.58 -16.09 14.53
CA TYR B 247 6.66 -15.18 13.96
C TYR B 247 6.29 -15.42 12.50
N THR B 248 7.26 -15.63 11.62
CA THR B 248 6.90 -15.76 10.21
C THR B 248 5.89 -16.86 9.91
N ASP B 249 6.12 -18.01 10.55
CA ASP B 249 5.28 -19.19 10.33
C ASP B 249 3.92 -18.98 10.96
N ARG B 250 3.89 -18.41 12.15
CA ARG B 250 2.62 -18.16 12.84
C ARG B 250 1.70 -17.23 12.11
N ILE B 251 2.20 -16.05 11.75
CA ILE B 251 1.37 -15.05 11.05
C ILE B 251 0.90 -15.54 9.66
N GLN B 252 1.63 -16.46 9.05
CA GLN B 252 1.26 -17.05 7.76
C GLN B 252 0.01 -17.93 7.96
N VAL B 253 0.02 -18.66 9.06
CA VAL B 253 -1.10 -19.55 9.40
C VAL B 253 -2.32 -18.64 9.61
N LEU B 254 -2.17 -17.68 10.51
CA LEU B 254 -3.19 -16.63 10.74
C LEU B 254 -3.68 -15.86 9.51
N ARG B 255 -2.85 -15.45 8.56
CA ARG B 255 -3.47 -14.74 7.42
C ARG B 255 -4.34 -15.71 6.66
N ASN B 256 -3.88 -16.96 6.55
CA ASN B 256 -4.68 -17.96 5.89
C ASN B 256 -5.91 -18.31 6.69
N MET B 257 -5.85 -18.29 8.03
CA MET B 257 -7.06 -18.60 8.78
C MET B 257 -8.18 -17.62 8.48
N VAL B 258 -7.87 -16.33 8.58
CA VAL B 258 -8.90 -15.32 8.28
C VAL B 258 -9.27 -15.33 6.83
N HIS B 259 -8.35 -15.66 5.95
CA HIS B 259 -8.69 -15.78 4.50
C HIS B 259 -9.75 -16.90 4.34
N CYS B 260 -9.53 -18.07 4.96
CA CYS B 260 -10.49 -19.21 4.98
C CYS B 260 -11.89 -18.82 5.61
N ALA B 261 -11.88 -18.18 6.78
CA ALA B 261 -13.13 -17.62 7.36
C ALA B 261 -13.92 -16.77 6.36
N ASP B 262 -13.26 -15.81 5.73
CA ASP B 262 -13.91 -15.00 4.68
C ASP B 262 -14.44 -15.86 3.56
N LEU B 263 -13.71 -16.90 3.16
CA LEU B 263 -14.15 -17.84 2.06
C LEU B 263 -14.83 -19.15 2.56
N SER B 264 -15.47 -19.07 3.74
CA SER B 264 -16.14 -20.22 4.37
C SER B 264 -17.64 -20.41 4.03
N ASN B 265 -18.31 -19.41 3.50
CA ASN B 265 -19.73 -19.53 3.22
C ASN B 265 -20.13 -20.94 2.66
N PRO B 266 -19.43 -21.43 1.61
CA PRO B 266 -19.79 -22.72 1.02
C PRO B 266 -19.43 -23.90 1.93
N THR B 267 -18.75 -23.70 3.05
CA THR B 267 -18.46 -24.81 3.91
C THR B 267 -19.43 -24.97 5.05
N LYS B 268 -20.40 -24.06 5.14
CA LYS B 268 -21.41 -24.11 6.16
C LYS B 268 -22.56 -24.96 5.66
N SER B 269 -23.61 -25.09 6.45
CA SER B 269 -24.73 -26.00 6.11
C SER B 269 -25.56 -25.46 4.93
N LEU B 270 -26.05 -26.31 4.04
CA LEU B 270 -26.84 -25.80 2.91
C LEU B 270 -27.76 -24.60 3.24
N GLU B 271 -28.45 -24.63 4.38
CA GLU B 271 -29.34 -23.54 4.79
C GLU B 271 -28.64 -22.16 5.02
N LEU B 272 -27.36 -22.10 5.41
CA LEU B 272 -26.65 -20.83 5.55
C LEU B 272 -26.06 -20.38 4.17
N TYR B 273 -25.38 -21.32 3.54
CA TYR B 273 -24.77 -21.12 2.26
C TYR B 273 -25.73 -20.53 1.21
N ARG B 274 -26.98 -20.95 1.19
CA ARG B 274 -27.91 -20.44 0.15
C ARG B 274 -28.29 -18.97 0.41
N GLN B 275 -28.33 -18.58 1.69
CA GLN B 275 -28.67 -17.21 2.07
C GLN B 275 -27.53 -16.29 1.69
N TRP B 276 -26.33 -16.69 2.05
CA TRP B 276 -25.14 -15.94 1.67
C TRP B 276 -25.05 -15.80 0.15
N THR B 277 -25.20 -16.93 -0.51
CA THR B 277 -25.15 -16.93 -1.92
C THR B 277 -26.20 -15.96 -2.52
N ASP B 278 -27.36 -15.89 -1.93
CA ASP B 278 -28.39 -14.97 -2.42
C ASP B 278 -27.96 -13.50 -2.27
N ARG B 279 -27.33 -13.23 -1.14
CA ARG B 279 -26.82 -11.92 -0.82
C ARG B 279 -25.70 -11.44 -1.73
N ILE B 280 -24.65 -12.25 -1.88
CA ILE B 280 -23.57 -11.83 -2.74
C ILE B 280 -24.11 -11.55 -4.14
N MET B 281 -24.96 -12.44 -4.65
CA MET B 281 -25.58 -12.20 -5.93
C MET B 281 -26.41 -10.91 -5.97
N GLU B 282 -27.11 -10.58 -4.89
CA GLU B 282 -27.90 -9.36 -4.91
C GLU B 282 -26.91 -8.20 -5.10
N GLU B 283 -25.85 -8.25 -4.33
CA GLU B 283 -24.83 -7.24 -4.37
C GLU B 283 -24.06 -7.11 -5.66
N PHE B 284 -23.69 -8.22 -6.25
CA PHE B 284 -22.94 -8.24 -7.49
C PHE B 284 -23.85 -7.72 -8.61
N PHE B 285 -25.16 -8.02 -8.56
CA PHE B 285 -26.10 -7.60 -9.63
C PHE B 285 -26.39 -6.09 -9.57
N GLN B 286 -26.33 -5.56 -8.34
CA GLN B 286 -26.44 -4.13 -8.05
C GLN B 286 -25.15 -3.48 -8.60
N GLN B 287 -23.98 -3.97 -8.20
CA GLN B 287 -22.81 -3.39 -8.81
C GLN B 287 -23.02 -3.32 -10.37
N GLY B 288 -23.40 -4.43 -10.97
CA GLY B 288 -23.58 -4.54 -12.42
C GLY B 288 -24.55 -3.58 -13.02
N ASP B 289 -25.57 -3.22 -12.23
CA ASP B 289 -26.56 -2.29 -12.78
C ASP B 289 -25.89 -0.90 -12.74
N LYS B 290 -25.02 -0.64 -11.73
CA LYS B 290 -24.28 0.64 -11.61
C LYS B 290 -23.40 0.87 -12.83
N GLU B 291 -22.71 -0.19 -13.25
CA GLU B 291 -21.86 -0.20 -14.43
C GLU B 291 -22.69 0.01 -15.69
N ARG B 292 -23.95 -0.43 -15.67
CA ARG B 292 -24.84 -0.23 -16.87
C ARG B 292 -25.27 1.26 -16.98
N GLU B 293 -25.58 1.90 -15.84
CA GLU B 293 -25.98 3.31 -15.85
C GLU B 293 -24.82 4.11 -16.46
N ARG B 294 -23.62 3.87 -15.93
CA ARG B 294 -22.38 4.53 -16.36
C ARG B 294 -21.72 4.01 -17.69
N GLY B 295 -22.42 3.18 -18.46
CA GLY B 295 -21.95 2.72 -19.78
C GLY B 295 -20.67 1.89 -19.83
N MET B 296 -20.22 1.37 -18.70
CA MET B 296 -19.01 0.52 -18.65
C MET B 296 -19.34 -0.89 -19.14
N GLU B 297 -18.33 -1.75 -19.26
CA GLU B 297 -18.56 -3.16 -19.60
C GLU B 297 -18.96 -3.83 -18.30
N ILE B 298 -19.89 -4.79 -18.36
CA ILE B 298 -20.28 -5.48 -17.12
C ILE B 298 -19.40 -6.70 -16.87
N SER B 299 -19.03 -6.99 -15.62
CA SER B 299 -18.32 -8.26 -15.37
C SER B 299 -19.37 -9.33 -15.67
N PRO B 300 -19.07 -10.40 -16.40
CA PRO B 300 -20.08 -11.45 -16.66
C PRO B 300 -20.77 -11.98 -15.39
N MET B 301 -20.10 -12.08 -14.26
CA MET B 301 -20.82 -12.59 -13.11
C MET B 301 -21.71 -11.57 -12.44
N CYS B 302 -21.64 -10.31 -12.86
CA CYS B 302 -22.47 -9.27 -12.27
C CYS B 302 -23.67 -8.90 -13.16
N ASP B 303 -23.88 -9.60 -14.27
CA ASP B 303 -24.93 -9.31 -15.24
C ASP B 303 -26.22 -10.08 -14.89
N LYS B 304 -27.08 -9.44 -14.09
CA LYS B 304 -28.33 -10.04 -13.67
C LYS B 304 -29.16 -10.63 -14.80
N HIS B 305 -29.06 -10.07 -16.00
CA HIS B 305 -29.82 -10.62 -17.17
C HIS B 305 -29.26 -11.94 -17.75
N THR B 306 -27.97 -12.18 -17.53
CA THR B 306 -27.31 -13.36 -18.09
C THR B 306 -26.72 -14.38 -17.09
N ALA B 307 -26.11 -13.91 -15.99
CA ALA B 307 -25.46 -14.79 -15.02
C ALA B 307 -26.32 -15.82 -14.29
N SER B 308 -25.84 -17.06 -14.32
CA SER B 308 -26.46 -18.16 -13.61
C SER B 308 -25.85 -18.17 -12.21
N VAL B 309 -26.67 -17.97 -11.18
CA VAL B 309 -26.19 -18.00 -9.80
C VAL B 309 -25.67 -19.39 -9.47
N GLU B 310 -26.34 -20.42 -10.01
CA GLU B 310 -26.01 -21.82 -9.66
C GLU B 310 -24.61 -22.15 -10.19
N LYS B 311 -24.46 -21.93 -11.49
CA LYS B 311 -23.23 -22.17 -12.23
C LYS B 311 -22.03 -21.44 -11.68
N SER B 312 -22.25 -20.23 -11.16
CA SER B 312 -21.16 -19.43 -10.61
C SER B 312 -20.71 -20.01 -9.26
N GLN B 313 -21.62 -20.45 -8.42
CA GLN B 313 -21.28 -21.11 -7.17
C GLN B 313 -20.46 -22.38 -7.38
N VAL B 314 -20.81 -23.17 -8.40
CA VAL B 314 -20.08 -24.40 -8.69
C VAL B 314 -18.67 -24.01 -9.12
N GLY B 315 -18.57 -22.97 -9.97
CA GLY B 315 -17.28 -22.44 -10.41
C GLY B 315 -16.44 -21.83 -9.27
N PHE B 316 -17.09 -21.18 -8.32
CA PHE B 316 -16.45 -20.57 -7.14
C PHE B 316 -15.85 -21.70 -6.28
N ILE B 317 -16.61 -22.73 -6.00
CA ILE B 317 -16.11 -23.84 -5.21
C ILE B 317 -14.96 -24.55 -5.93
N ASP B 318 -15.17 -24.89 -7.19
CA ASP B 318 -14.16 -25.65 -7.96
C ASP B 318 -12.83 -24.96 -8.20
N TYR B 319 -12.83 -23.65 -8.45
CA TYR B 319 -11.57 -22.94 -8.71
C TYR B 319 -11.03 -22.11 -7.57
N ILE B 320 -11.83 -21.83 -6.56
CA ILE B 320 -11.32 -21.02 -5.44
C ILE B 320 -11.42 -21.59 -4.06
N VAL B 321 -12.64 -21.84 -3.60
CA VAL B 321 -12.88 -22.27 -2.21
C VAL B 321 -12.39 -23.72 -1.89
N HIS B 322 -12.68 -24.65 -2.77
CA HIS B 322 -12.26 -26.03 -2.53
C HIS B 322 -10.74 -26.14 -2.55
N PRO B 323 -10.05 -25.54 -3.51
CA PRO B 323 -8.59 -25.59 -3.49
C PRO B 323 -7.97 -25.05 -2.19
N LEU B 324 -8.52 -23.96 -1.67
CA LEU B 324 -8.00 -23.36 -0.46
C LEU B 324 -8.35 -24.16 0.76
N TRP B 325 -9.60 -24.58 0.86
CA TRP B 325 -9.97 -25.38 2.05
C TRP B 325 -9.30 -26.78 2.06
N GLU B 326 -9.19 -27.42 0.90
CA GLU B 326 -8.53 -28.72 0.80
C GLU B 326 -7.09 -28.62 1.32
N THR B 327 -6.47 -27.47 1.09
CA THR B 327 -5.12 -27.23 1.54
C THR B 327 -4.99 -26.95 3.04
N TRP B 328 -6.00 -26.30 3.61
CA TRP B 328 -6.02 -25.99 5.01
C TRP B 328 -6.28 -27.29 5.72
N ALA B 329 -7.22 -28.08 5.25
CA ALA B 329 -7.44 -29.41 5.83
C ALA B 329 -6.18 -30.27 5.86
N ASP B 330 -5.28 -30.09 4.89
CA ASP B 330 -4.04 -30.85 4.88
C ASP B 330 -3.19 -30.48 6.08
N LEU B 331 -3.06 -29.19 6.29
CA LEU B 331 -2.33 -28.59 7.41
C LEU B 331 -2.82 -29.01 8.80
N VAL B 332 -4.14 -29.06 8.97
CA VAL B 332 -4.77 -29.36 10.27
C VAL B 332 -5.34 -30.78 10.33
N GLN B 333 -4.95 -31.64 9.42
CA GLN B 333 -5.48 -33.01 9.36
C GLN B 333 -5.56 -33.67 10.74
N PRO B 334 -6.68 -34.32 11.09
CA PRO B 334 -7.89 -34.47 10.25
C PRO B 334 -9.09 -33.60 10.69
N ASP B 335 -8.80 -32.53 11.43
CA ASP B 335 -9.78 -31.63 12.03
C ASP B 335 -10.80 -31.02 11.10
N ALA B 336 -10.47 -30.84 9.84
CA ALA B 336 -11.39 -30.19 8.91
C ALA B 336 -12.08 -31.12 7.94
N GLN B 337 -12.05 -32.42 8.22
CA GLN B 337 -12.66 -33.37 7.32
C GLN B 337 -14.16 -33.14 7.14
N ASP B 338 -14.86 -32.82 8.22
CA ASP B 338 -16.30 -32.55 8.14
C ASP B 338 -16.61 -31.41 7.19
N ILE B 339 -15.80 -30.36 7.31
CA ILE B 339 -16.00 -29.15 6.55
C ILE B 339 -15.81 -29.47 5.10
N LEU B 340 -14.82 -30.29 4.83
CA LEU B 340 -14.51 -30.66 3.47
C LEU B 340 -15.65 -31.47 2.91
N ASP B 341 -16.30 -32.29 3.73
CA ASP B 341 -17.45 -33.10 3.31
C ASP B 341 -18.66 -32.25 2.93
N THR B 342 -18.97 -31.23 3.71
CA THR B 342 -20.10 -30.35 3.42
C THR B 342 -19.94 -29.57 2.12
N LEU B 343 -18.71 -29.13 1.89
CA LEU B 343 -18.34 -28.41 0.68
C LEU B 343 -18.71 -29.23 -0.50
N GLU B 344 -18.43 -30.52 -0.41
CA GLU B 344 -18.71 -31.44 -1.49
C GLU B 344 -20.20 -31.63 -1.68
N ASP B 345 -20.97 -31.75 -0.59
CA ASP B 345 -22.42 -31.93 -0.75
C ASP B 345 -23.08 -30.60 -1.29
N ASN B 346 -22.63 -29.44 -0.87
CA ASN B 346 -23.18 -28.17 -1.40
C ASN B 346 -22.81 -27.95 -2.86
N ARG B 347 -21.56 -28.26 -3.14
CA ARG B 347 -21.00 -28.21 -4.46
C ARG B 347 -21.93 -29.12 -5.29
N ASN B 348 -22.13 -30.36 -4.87
CA ASN B 348 -23.01 -31.28 -5.58
C ASN B 348 -24.47 -30.77 -5.61
N TRP B 349 -24.89 -30.01 -4.59
CA TRP B 349 -26.25 -29.48 -4.60
C TRP B 349 -26.48 -28.48 -5.75
N TYR B 350 -25.62 -27.47 -5.80
CA TYR B 350 -25.73 -26.41 -6.78
C TYR B 350 -25.63 -27.00 -8.18
N GLN B 351 -24.70 -27.95 -8.35
CA GLN B 351 -24.55 -28.61 -9.63
C GLN B 351 -25.86 -29.30 -10.04
N SER B 352 -26.57 -29.89 -9.08
CA SER B 352 -27.87 -30.54 -9.43
C SER B 352 -28.95 -29.49 -9.79
N MET B 353 -28.75 -28.22 -9.43
CA MET B 353 -29.71 -27.15 -9.75
C MET B 353 -29.57 -26.52 -11.14
N ILE B 354 -28.60 -26.99 -11.93
CA ILE B 354 -28.44 -26.53 -13.32
C ILE B 354 -29.01 -27.58 -14.24
N PRO B 355 -29.81 -27.17 -15.20
CA PRO B 355 -30.23 -28.10 -16.25
C PRO B 355 -29.11 -28.39 -17.28
#